data_6SXI
#
_entry.id   6SXI
#
_cell.length_a   41.900
_cell.length_b   93.280
_cell.length_c   177.040
_cell.angle_alpha   90.000
_cell.angle_beta   90.000
_cell.angle_gamma   90.000
#
_symmetry.space_group_name_H-M   'P 21 21 21'
#
loop_
_entity.id
_entity.type
_entity.pdbx_description
1 polymer 'Fab heavy chain'
2 polymer 'Fab light chain'
3 polymer 'Single chain Fv - heavy chain'
4 polymer 'Single chain Fv - light chain'
5 non-polymer GLYCEROL
6 water water
#
loop_
_entity_poly.entity_id
_entity_poly.type
_entity_poly.pdbx_seq_one_letter_code
_entity_poly.pdbx_strand_id
1 'polypeptide(L)'
;EVQLQESGPSLVKPSQTLSLTCSVTGDSITSGYWNWIRKFPGNKLEYMGYISYSGSTYYNLSLRSRISITRDTSKNQYYL
QLNSVTTEDTATYYCALITTTTYAMDYWGQGTSVTVSSAKTTPPSVYPLAPGSAAQTNSMVTLGCLVKGYFPEPVTVTWN
SGSLSSGVHTFPAVLQSDLYTLSSSVTVPSSTWPSETVTCNVAHPASSTKVDKKIVPR
;
H
2 'polypeptide(L)'
;NIVLTQSPVSLAVSLGQRATISCRASESVDGYGNSFLHWFQQKPGQPPKLLIYLASNLNSGVPARFSGSGSRTDFTLTID
PVEADDAATYYCQQNNVDPWTFGGGTKLEIKRADAAPTVSIFPPSSEQLTSGGASVVCFLNNFYPKDINVKWKIDGSERQ
NGVLNSWTDQDSKDSTYSMSSTLTLTKDEYERHNSYTCEATHKTSTSPIVKSFNRNEC
;
L
3 'polypeptide(L)'
;QVQLQESGTELVKPGASVKLSCKASGYTFTNYWMHWVKQRQGLEWIGEINPSDGHTNYNEKFKSKATLTVDKSSSTAYMQ
LSSLTSEDSAVYYCARPWAFGNYGAWFAYWGQGTLVTVS
;
A
4 'polypeptide(L)'
;GASDIVMTQSPKFMSTSVGDRVSITCKASQNVRTAVAWYQQKPGQSPKALIYLASSRHTGVPDRFTGSGSGTDFTLTISN
VQSEDLADYFCLQHWNYPYTFGGGTKLE
;
B
#
loop_
_chem_comp.id
_chem_comp.type
_chem_comp.name
_chem_comp.formula
GOL non-polymer GLYCEROL 'C3 H8 O3'
#
# COMPACT_ATOMS: atom_id res chain seq x y z
N GLU A 1 -18.53 -11.25 -4.11
CA GLU A 1 -18.10 -10.07 -4.84
C GLU A 1 -17.98 -8.85 -3.92
N VAL A 2 -16.92 -8.84 -3.11
CA VAL A 2 -16.67 -7.76 -2.17
C VAL A 2 -16.38 -6.45 -2.91
N GLN A 3 -16.83 -5.35 -2.32
CA GLN A 3 -16.63 -4.02 -2.89
C GLN A 3 -16.24 -3.04 -1.79
N LEU A 4 -15.21 -2.23 -2.07
CA LEU A 4 -14.71 -1.28 -1.09
C LEU A 4 -14.83 0.14 -1.63
N GLN A 5 -15.22 1.08 -0.77
CA GLN A 5 -15.36 2.46 -1.21
C GLN A 5 -14.92 3.50 -0.18
N GLU A 6 -13.94 4.31 -0.57
CA GLU A 6 -13.42 5.36 0.30
C GLU A 6 -14.27 6.60 0.23
N SER A 7 -14.41 7.29 1.37
CA SER A 7 -15.09 8.58 1.43
C SER A 7 -14.51 9.47 2.53
N GLY A 8 -14.78 10.77 2.43
CA GLY A 8 -14.23 11.74 3.35
C GLY A 8 -13.78 13.00 2.63
N PRO A 9 -13.31 14.01 3.38
CA PRO A 9 -12.96 15.30 2.77
C PRO A 9 -11.82 15.21 1.76
N SER A 10 -11.93 16.00 0.70
CA SER A 10 -10.93 16.04 -0.37
C SER A 10 -9.87 17.08 -0.03
N LEU A 11 -10.19 17.95 0.92
CA LEU A 11 -9.32 19.06 1.29
C LEU A 11 -9.26 19.15 2.80
N VAL A 12 -8.05 19.21 3.34
CA VAL A 12 -7.83 19.26 4.78
C VAL A 12 -6.76 20.32 5.08
N LYS A 13 -6.99 21.14 6.10
CA LYS A 13 -5.99 22.14 6.47
C LYS A 13 -4.81 21.53 7.20
N PRO A 14 -3.60 22.07 6.96
CA PRO A 14 -2.38 21.63 7.66
C PRO A 14 -2.56 21.67 9.18
N SER A 15 -1.95 20.71 9.87
CA SER A 15 -2.04 20.52 11.32
C SER A 15 -3.36 19.91 11.79
N GLN A 16 -4.34 19.80 10.92
CA GLN A 16 -5.62 19.19 11.29
C GLN A 16 -5.53 17.66 11.18
N THR A 17 -6.61 16.97 11.53
CA THR A 17 -6.68 15.52 11.44
C THR A 17 -7.40 15.08 10.14
N LEU A 18 -6.76 14.16 9.42
CA LEU A 18 -7.38 13.58 8.22
C LEU A 18 -8.19 12.36 8.63
N SER A 19 -9.46 12.34 8.26
CA SER A 19 -10.32 11.21 8.56
C SER A 19 -10.99 10.62 7.31
N LEU A 20 -10.84 9.31 7.11
CA LEU A 20 -11.46 8.65 5.98
C LEU A 20 -12.25 7.42 6.41
N THR A 21 -13.26 7.09 5.62
CA THR A 21 -14.07 5.92 5.88
C THR A 21 -13.99 4.96 4.70
N CYS A 22 -13.88 3.67 4.98
CA CYS A 22 -14.06 2.66 3.93
C CYS A 22 -15.35 1.88 4.17
N SER A 23 -16.28 1.97 3.22
CA SER A 23 -17.51 1.21 3.34
C SER A 23 -17.41 -0.05 2.51
N VAL A 24 -17.68 -1.19 3.15
CA VAL A 24 -17.55 -2.50 2.53
C VAL A 24 -18.91 -3.14 2.27
N THR A 25 -19.09 -3.68 1.08
CA THR A 25 -20.33 -4.35 0.72
C THR A 25 -19.98 -5.72 0.13
N GLY A 26 -20.83 -6.71 0.36
CA GLY A 26 -20.59 -8.04 -0.15
C GLY A 26 -19.98 -8.99 0.87
N ASP A 27 -18.88 -8.56 1.49
CA ASP A 27 -18.18 -9.39 2.46
C ASP A 27 -18.13 -8.69 3.83
N SER A 28 -18.06 -9.48 4.90
CA SER A 28 -18.04 -8.91 6.25
C SER A 28 -16.61 -8.59 6.67
N ILE A 29 -16.42 -7.50 7.39
CA ILE A 29 -15.06 -7.13 7.82
C ILE A 29 -14.58 -7.95 9.02
N THR A 30 -15.45 -8.87 9.44
CA THR A 30 -15.10 -9.85 10.46
C THR A 30 -14.39 -11.03 9.82
N SER A 31 -13.95 -10.88 8.57
CA SER A 31 -13.04 -11.80 7.89
C SER A 31 -11.96 -10.99 7.16
N GLY A 32 -10.76 -11.55 7.04
CA GLY A 32 -9.68 -10.91 6.30
C GLY A 32 -9.01 -9.73 6.99
N TYR A 33 -8.13 -9.06 6.27
CA TYR A 33 -7.37 -7.94 6.81
C TYR A 33 -7.69 -6.70 6.00
N TRP A 34 -8.04 -5.62 6.68
CA TRP A 34 -8.59 -4.44 6.02
C TRP A 34 -7.59 -3.28 6.07
N ASN A 35 -7.08 -2.93 4.89
CA ASN A 35 -5.89 -2.08 4.76
C ASN A 35 -6.17 -0.66 4.29
N TRP A 36 -5.22 0.24 4.61
CA TRP A 36 -5.16 1.59 4.03
C TRP A 36 -3.78 1.76 3.39
N ILE A 37 -3.76 2.31 2.19
CA ILE A 37 -2.55 2.50 1.40
C ILE A 37 -2.68 3.88 0.77
N ARG A 38 -1.57 4.57 0.55
CA ARG A 38 -1.65 5.83 -0.16
C ARG A 38 -0.65 5.94 -1.30
N LYS A 39 -0.98 6.79 -2.27
CA LYS A 39 -0.12 7.01 -3.44
C LYS A 39 0.12 8.49 -3.55
N PHE A 40 1.39 8.88 -3.48
CA PHE A 40 1.78 10.29 -3.54
C PHE A 40 1.70 10.84 -4.96
N PRO A 41 1.67 12.19 -5.10
CA PRO A 41 1.54 12.79 -6.43
C PRO A 41 2.66 12.34 -7.37
N GLY A 42 3.84 12.07 -6.81
CA GLY A 42 4.95 11.56 -7.61
C GLY A 42 4.86 10.08 -7.90
N ASN A 43 3.75 9.46 -7.46
CA ASN A 43 3.34 8.10 -7.82
C ASN A 43 3.83 6.96 -6.92
N LYS A 44 4.70 7.28 -5.95
CA LYS A 44 5.15 6.27 -4.98
C LYS A 44 3.99 5.80 -4.11
N LEU A 45 3.99 4.51 -3.81
CA LEU A 45 2.98 3.92 -2.95
C LEU A 45 3.55 3.71 -1.56
N GLU A 46 2.75 3.96 -0.53
CA GLU A 46 3.16 3.70 0.85
C GLU A 46 2.05 2.94 1.55
N TYR A 47 2.41 1.81 2.14
CA TYR A 47 1.47 1.02 2.89
C TYR A 47 1.28 1.67 4.24
N MET A 48 0.03 1.85 4.68
CA MET A 48 -0.20 2.57 5.93
C MET A 48 -0.47 1.64 7.08
N GLY A 49 -1.46 0.76 6.92
CA GLY A 49 -1.72 -0.21 7.97
C GLY A 49 -3.01 -0.97 7.78
N TYR A 50 -3.31 -1.87 8.72
CA TYR A 50 -4.58 -2.59 8.70
C TYR A 50 -5.26 -2.74 10.04
N ILE A 51 -6.54 -3.09 9.98
CA ILE A 51 -7.24 -3.66 11.12
C ILE A 51 -7.71 -5.03 10.66
N SER A 52 -7.46 -6.04 11.48
CA SER A 52 -7.75 -7.40 11.09
C SER A 52 -9.18 -7.74 11.38
N TYR A 53 -9.58 -8.93 10.98
CA TYR A 53 -10.92 -9.41 11.25
C TYR A 53 -11.19 -9.45 12.76
N SER A 54 -10.14 -9.62 13.55
CA SER A 54 -10.32 -9.78 15.00
C SER A 54 -10.19 -8.45 15.73
N GLY A 55 -9.89 -7.39 14.99
CA GLY A 55 -9.77 -6.07 15.58
C GLY A 55 -8.34 -5.64 15.92
N SER A 56 -7.36 -6.51 15.72
CA SER A 56 -5.98 -6.12 15.96
CA SER A 56 -5.95 -6.14 15.92
C SER A 56 -5.50 -5.19 14.82
N THR A 57 -4.52 -4.35 15.14
CA THR A 57 -4.05 -3.40 14.14
C THR A 57 -2.55 -3.53 13.86
N TYR A 58 -2.18 -3.21 12.63
CA TYR A 58 -0.80 -3.15 12.21
C TYR A 58 -0.60 -1.78 11.59
N TYR A 59 0.30 -0.99 12.19
CA TYR A 59 0.55 0.33 11.67
C TYR A 59 1.96 0.34 11.17
N ASN A 60 2.15 0.79 9.94
N ASN A 60 2.15 0.80 9.93
CA ASN A 60 3.49 0.78 9.39
CA ASN A 60 3.48 0.95 9.33
C ASN A 60 4.42 1.69 10.17
C ASN A 60 4.41 1.69 10.26
N LEU A 61 5.65 1.23 10.30
CA LEU A 61 6.65 1.83 11.17
C LEU A 61 6.73 3.36 11.07
N SER A 62 6.66 3.90 9.85
CA SER A 62 6.84 5.33 9.65
C SER A 62 5.62 6.17 10.03
N LEU A 63 4.51 5.50 10.30
CA LEU A 63 3.25 6.18 10.60
C LEU A 63 2.78 5.78 11.98
N ARG A 64 3.55 4.92 12.63
CA ARG A 64 3.11 4.18 13.80
C ARG A 64 2.58 5.04 14.95
N SER A 65 2.99 6.29 15.03
CA SER A 65 2.57 7.15 16.12
C SER A 65 1.67 8.30 15.67
N ARG A 66 1.23 8.27 14.42
CA ARG A 66 0.37 9.33 13.88
C ARG A 66 -0.97 8.81 13.38
N ILE A 67 -1.13 7.50 13.39
CA ILE A 67 -2.26 6.86 12.74
C ILE A 67 -3.11 6.07 13.73
N SER A 68 -4.39 5.96 13.41
CA SER A 68 -5.30 5.08 14.13
C SER A 68 -6.26 4.46 13.12
N ILE A 69 -6.43 3.15 13.19
CA ILE A 69 -7.42 2.49 12.37
C ILE A 69 -8.45 1.82 13.26
N THR A 70 -9.72 2.15 13.02
CA THR A 70 -10.80 1.58 13.83
C THR A 70 -11.87 1.01 12.92
N ARG A 71 -12.89 0.37 13.51
CA ARG A 71 -13.94 -0.21 12.68
C ARG A 71 -15.31 -0.20 13.35
N ASP A 72 -16.34 -0.45 12.54
CA ASP A 72 -17.69 -0.64 13.06
C ASP A 72 -18.29 -1.84 12.35
N THR A 73 -18.31 -2.97 13.04
CA THR A 73 -18.75 -4.22 12.43
C THR A 73 -20.25 -4.21 12.11
N SER A 74 -21.02 -3.40 12.82
CA SER A 74 -22.46 -3.31 12.54
C SER A 74 -22.72 -2.63 11.20
N LYS A 75 -21.92 -1.60 10.90
CA LYS A 75 -22.07 -0.85 9.66
C LYS A 75 -21.17 -1.41 8.55
N ASN A 76 -20.32 -2.36 8.90
CA ASN A 76 -19.34 -2.94 7.98
C ASN A 76 -18.48 -1.85 7.35
N GLN A 77 -17.95 -0.98 8.19
CA GLN A 77 -17.09 0.13 7.79
C GLN A 77 -15.82 0.07 8.63
N TYR A 78 -14.71 0.54 8.08
CA TYR A 78 -13.54 0.82 8.89
C TYR A 78 -12.95 2.18 8.55
N TYR A 79 -12.09 2.68 9.42
CA TYR A 79 -11.79 4.11 9.46
C TYR A 79 -10.30 4.39 9.56
N LEU A 80 -9.87 5.45 8.91
CA LEU A 80 -8.49 5.93 9.04
C LEU A 80 -8.49 7.30 9.70
N GLN A 81 -7.60 7.49 10.67
CA GLN A 81 -7.31 8.81 11.21
C GLN A 81 -5.82 9.06 11.10
N LEU A 82 -5.45 10.14 10.43
CA LEU A 82 -4.05 10.53 10.32
C LEU A 82 -3.91 11.92 10.94
N ASN A 83 -3.09 12.01 12.00
CA ASN A 83 -3.00 13.23 12.80
C ASN A 83 -1.97 14.23 12.29
N SER A 84 -2.23 15.51 12.57
CA SER A 84 -1.26 16.57 12.35
C SER A 84 -0.72 16.55 10.94
N VAL A 85 -1.61 16.57 9.96
CA VAL A 85 -1.18 16.41 8.57
C VAL A 85 -0.44 17.63 8.08
N THR A 86 0.53 17.38 7.19
CA THR A 86 1.24 18.45 6.53
C THR A 86 1.02 18.29 5.03
N THR A 87 1.57 19.20 4.24
CA THR A 87 1.43 19.13 2.79
C THR A 87 1.99 17.82 2.22
N GLU A 88 2.83 17.14 2.99
CA GLU A 88 3.41 15.86 2.55
C GLU A 88 2.43 14.69 2.67
N ASP A 89 1.27 14.93 3.26
CA ASP A 89 0.25 13.90 3.35
C ASP A 89 -0.76 13.99 2.20
N THR A 90 -0.51 14.90 1.26
CA THR A 90 -1.33 15.00 0.06
C THR A 90 -1.10 13.75 -0.75
N ALA A 91 -2.17 13.06 -1.13
CA ALA A 91 -2.07 11.75 -1.77
C ALA A 91 -3.44 11.23 -2.14
N THR A 92 -3.46 10.15 -2.91
CA THR A 92 -4.68 9.39 -3.15
C THR A 92 -4.66 8.28 -2.13
N TYR A 93 -5.75 8.15 -1.40
CA TYR A 93 -5.87 7.17 -0.33
C TYR A 93 -6.73 5.99 -0.76
N TYR A 94 -6.21 4.78 -0.60
CA TYR A 94 -6.92 3.56 -0.96
C TYR A 94 -7.22 2.66 0.21
N CYS A 95 -8.40 2.04 0.20
N CYS A 95 -8.36 2.01 0.14
CA CYS A 95 -8.66 0.91 1.10
CA CYS A 95 -8.63 0.90 1.03
C CYS A 95 -8.69 -0.39 0.29
C CYS A 95 -8.41 -0.34 0.20
N ALA A 96 -8.13 -1.46 0.87
CA ALA A 96 -7.94 -2.72 0.17
C ALA A 96 -8.05 -3.87 1.14
N LEU A 97 -8.36 -5.05 0.62
CA LEU A 97 -8.54 -6.23 1.43
C LEU A 97 -7.43 -7.23 1.19
N ILE A 98 -6.98 -7.87 2.27
CA ILE A 98 -6.14 -9.05 2.14
C ILE A 98 -6.88 -10.27 2.66
N THR A 99 -7.05 -11.26 1.80
CA THR A 99 -7.62 -12.53 2.24
C THR A 99 -6.47 -13.52 2.43
N THR A 100 -6.70 -14.54 3.24
CA THR A 100 -5.65 -15.53 3.51
C THR A 100 -5.54 -16.55 2.36
N THR A 101 -6.34 -16.35 1.31
CA THR A 101 -6.19 -17.09 0.06
C THR A 101 -4.89 -16.73 -0.64
N THR A 102 -4.53 -15.44 -0.62
CA THR A 102 -3.39 -14.96 -1.39
C THR A 102 -2.35 -14.23 -0.55
N TYR A 103 -2.75 -13.79 0.64
CA TYR A 103 -1.92 -12.93 1.48
C TYR A 103 -1.49 -11.66 0.77
N ALA A 104 -2.29 -11.23 -0.21
CA ALA A 104 -1.94 -10.05 -1.00
C ALA A 104 -3.12 -9.11 -1.07
N MET A 105 -2.86 -7.82 -1.17
CA MET A 105 -3.95 -6.86 -1.30
CA MET A 105 -3.95 -6.87 -1.29
C MET A 105 -4.70 -7.14 -2.60
N ASP A 106 -5.78 -7.93 -2.49
CA ASP A 106 -6.43 -8.46 -3.70
C ASP A 106 -7.67 -7.75 -4.23
N TYR A 107 -8.29 -6.90 -3.41
CA TYR A 107 -9.45 -6.11 -3.82
C TYR A 107 -9.17 -4.71 -3.33
N TRP A 108 -9.39 -3.71 -4.18
CA TRP A 108 -9.04 -2.30 -3.89
C TRP A 108 -10.19 -1.34 -4.23
N GLY A 109 -10.42 -0.37 -3.35
CA GLY A 109 -11.30 0.74 -3.66
C GLY A 109 -10.73 1.58 -4.79
N GLN A 110 -11.54 2.48 -5.33
CA GLN A 110 -11.10 3.28 -6.48
C GLN A 110 -10.17 4.39 -6.05
N GLY A 111 -10.13 4.61 -4.73
CA GLY A 111 -9.25 5.59 -4.15
C GLY A 111 -9.89 6.97 -4.05
N THR A 112 -9.51 7.71 -3.03
CA THR A 112 -10.01 9.08 -2.90
C THR A 112 -8.86 10.07 -2.76
N SER A 113 -8.94 11.15 -3.50
CA SER A 113 -7.91 12.18 -3.46
C SER A 113 -8.07 13.05 -2.21
N VAL A 114 -6.99 13.18 -1.44
CA VAL A 114 -6.98 14.11 -0.33
C VAL A 114 -5.87 15.15 -0.51
N THR A 115 -6.25 16.42 -0.53
CA THR A 115 -5.28 17.49 -0.61
C THR A 115 -5.14 18.19 0.74
N VAL A 116 -3.91 18.36 1.20
CA VAL A 116 -3.65 19.09 2.43
C VAL A 116 -3.13 20.47 2.07
N SER A 117 -3.97 21.48 2.28
CA SER A 117 -3.64 22.83 1.86
C SER A 117 -4.46 23.87 2.61
N SER A 118 -3.94 25.10 2.67
CA SER A 118 -4.67 26.21 3.23
C SER A 118 -5.38 26.99 2.13
N ALA A 119 -5.11 26.61 0.88
CA ALA A 119 -5.76 27.21 -0.28
C ALA A 119 -7.26 26.96 -0.23
N LYS A 120 -8.02 27.86 -0.83
CA LYS A 120 -9.47 27.77 -0.74
C LYS A 120 -10.08 27.03 -1.92
N THR A 121 -11.16 26.31 -1.65
CA THR A 121 -11.94 25.68 -2.71
C THR A 121 -12.45 26.72 -3.69
N THR A 122 -12.23 26.46 -4.98
CA THR A 122 -12.61 27.40 -6.02
C THR A 122 -13.22 26.60 -7.18
N PRO A 123 -14.44 26.96 -7.60
CA PRO A 123 -15.06 26.24 -8.72
C PRO A 123 -14.34 26.57 -10.03
N PRO A 124 -14.44 25.68 -11.03
CA PRO A 124 -13.86 25.96 -12.34
C PRO A 124 -14.80 26.76 -13.27
N SER A 125 -14.20 27.47 -14.21
CA SER A 125 -14.93 27.97 -15.37
C SER A 125 -14.71 26.98 -16.50
N VAL A 126 -15.76 26.69 -17.25
CA VAL A 126 -15.67 25.72 -18.33
C VAL A 126 -15.90 26.40 -19.68
N TYR A 127 -14.94 26.27 -20.58
CA TYR A 127 -15.04 26.92 -21.88
C TYR A 127 -15.03 25.91 -23.01
N PRO A 128 -15.93 26.08 -23.99
CA PRO A 128 -15.96 25.22 -25.16
C PRO A 128 -14.78 25.54 -26.09
N LEU A 129 -14.25 24.51 -26.73
CA LEU A 129 -13.17 24.66 -27.71
C LEU A 129 -13.71 24.19 -29.04
N ALA A 130 -13.93 25.14 -29.95
CA ALA A 130 -14.41 24.82 -31.29
C ALA A 130 -13.48 25.40 -32.36
N PRO A 131 -13.34 24.71 -33.50
CA PRO A 131 -12.52 25.18 -34.62
CA PRO A 131 -12.52 25.18 -34.62
C PRO A 131 -12.88 26.60 -35.03
N ASN A 138 -11.38 17.82 -44.03
CA ASN A 138 -10.88 16.83 -43.08
C ASN A 138 -11.96 15.83 -42.67
N SER A 139 -11.60 14.55 -42.67
CA SER A 139 -12.53 13.47 -42.34
C SER A 139 -12.98 13.51 -40.87
N MET A 140 -12.06 13.86 -39.98
CA MET A 140 -12.37 13.92 -38.56
C MET A 140 -12.27 15.35 -38.05
N VAL A 141 -13.06 15.68 -37.03
CA VAL A 141 -12.94 16.97 -36.38
C VAL A 141 -12.66 16.79 -34.90
N THR A 142 -11.76 17.61 -34.36
CA THR A 142 -11.40 17.56 -32.94
C THR A 142 -11.99 18.75 -32.21
N LEU A 143 -12.70 18.48 -31.12
CA LEU A 143 -13.30 19.54 -30.30
C LEU A 143 -12.71 19.43 -28.91
N GLY A 144 -13.01 20.39 -28.05
CA GLY A 144 -12.47 20.31 -26.72
C GLY A 144 -13.21 21.08 -25.67
N CYS A 145 -12.77 20.93 -24.42
CA CYS A 145 -13.28 21.70 -23.31
C CYS A 145 -12.10 22.13 -22.46
N LEU A 146 -12.12 23.38 -22.03
CA LEU A 146 -11.07 23.90 -21.16
C LEU A 146 -11.67 24.17 -19.78
N VAL A 147 -11.16 23.47 -18.78
CA VAL A 147 -11.66 23.59 -17.41
C VAL A 147 -10.63 24.36 -16.60
N LYS A 148 -10.93 25.62 -16.27
CA LYS A 148 -9.87 26.51 -15.81
C LYS A 148 -10.09 27.07 -14.41
N GLY A 149 -9.01 27.10 -13.62
CA GLY A 149 -8.96 27.84 -12.37
C GLY A 149 -9.75 27.24 -11.22
N TYR A 150 -9.54 25.96 -10.93
CA TYR A 150 -10.26 25.31 -9.83
C TYR A 150 -9.35 24.78 -8.75
N PHE A 151 -9.95 24.48 -7.60
CA PHE A 151 -9.20 23.93 -6.48
C PHE A 151 -10.17 23.27 -5.52
N PRO A 152 -9.80 22.11 -4.96
CA PRO A 152 -8.61 21.32 -5.30
C PRO A 152 -8.96 20.27 -6.36
N GLU A 153 -8.03 19.39 -6.68
CA GLU A 153 -8.33 18.19 -7.46
C GLU A 153 -9.31 17.33 -6.66
N PRO A 154 -10.10 16.49 -7.34
CA PRO A 154 -10.11 16.30 -8.79
C PRO A 154 -11.31 16.94 -9.49
N VAL A 155 -11.33 16.77 -10.81
CA VAL A 155 -12.41 17.17 -11.67
C VAL A 155 -12.67 15.99 -12.59
N THR A 156 -13.93 15.71 -12.88
CA THR A 156 -14.23 14.66 -13.86
C THR A 156 -14.84 15.27 -15.12
N VAL A 157 -14.45 14.74 -16.27
CA VAL A 157 -14.96 15.20 -17.54
C VAL A 157 -15.47 14.01 -18.34
N THR A 158 -16.71 14.09 -18.79
CA THR A 158 -17.23 13.13 -19.76
C THR A 158 -17.75 13.89 -20.97
N TRP A 159 -17.98 13.16 -22.05
CA TRP A 159 -18.52 13.72 -23.27
C TRP A 159 -19.83 13.01 -23.58
N ASN A 160 -20.86 13.78 -23.90
CA ASN A 160 -22.20 13.22 -24.14
C ASN A 160 -22.65 12.25 -23.05
N SER A 161 -22.36 12.61 -21.80
CA SER A 161 -22.72 11.80 -20.64
C SER A 161 -22.08 10.42 -20.67
N GLY A 162 -20.91 10.32 -21.29
CA GLY A 162 -20.18 9.07 -21.34
C GLY A 162 -20.48 8.25 -22.57
N SER A 163 -21.45 8.70 -23.37
CA SER A 163 -21.81 8.00 -24.60
C SER A 163 -20.67 8.07 -25.59
N LEU A 164 -19.99 9.21 -25.57
CA LEU A 164 -18.82 9.46 -26.41
C LEU A 164 -17.59 9.07 -25.62
N SER A 165 -17.01 7.93 -25.98
CA SER A 165 -15.94 7.35 -25.18
C SER A 165 -14.60 7.32 -25.93
N SER A 166 -14.58 6.64 -27.07
CA SER A 166 -13.35 6.53 -27.85
C SER A 166 -12.97 7.88 -28.46
N GLY A 167 -11.67 8.09 -28.66
CA GLY A 167 -11.20 9.32 -29.26
C GLY A 167 -11.18 10.49 -28.30
N VAL A 168 -11.31 10.19 -27.01
CA VAL A 168 -11.27 11.21 -25.97
C VAL A 168 -9.89 11.24 -25.31
N HIS A 169 -9.33 12.45 -25.14
CA HIS A 169 -8.16 12.63 -24.29
C HIS A 169 -8.46 13.67 -23.22
N THR A 170 -8.46 13.27 -21.96
CA THR A 170 -8.54 14.24 -20.88
C THR A 170 -7.16 14.36 -20.25
N PHE A 171 -6.61 15.56 -20.27
CA PHE A 171 -5.22 15.77 -19.86
C PHE A 171 -5.11 15.99 -18.37
N PRO A 172 -3.98 15.52 -17.77
CA PRO A 172 -3.70 15.77 -16.35
C PRO A 172 -3.73 17.26 -16.05
N ALA A 173 -4.25 17.61 -14.88
CA ALA A 173 -4.38 19.01 -14.50
C ALA A 173 -3.02 19.64 -14.24
N VAL A 174 -2.91 20.94 -14.53
CA VAL A 174 -1.71 21.69 -14.24
C VAL A 174 -2.00 22.70 -13.15
N LEU A 175 -1.15 22.74 -12.13
CA LEU A 175 -1.32 23.66 -11.02
C LEU A 175 -0.56 24.96 -11.23
N GLN A 176 -1.28 26.08 -11.12
CA GLN A 176 -0.72 27.41 -11.30
C GLN A 176 -1.31 28.34 -10.24
N SER A 177 -0.46 28.94 -9.42
CA SER A 177 -0.90 29.88 -8.39
C SER A 177 -2.04 29.28 -7.55
N ASP A 178 -1.83 28.07 -7.06
CA ASP A 178 -2.87 27.34 -6.31
C ASP A 178 -4.22 27.23 -7.02
N LEU A 179 -4.20 27.28 -8.35
CA LEU A 179 -5.38 26.99 -9.17
C LEU A 179 -5.02 25.98 -10.25
N TYR A 180 -5.92 25.04 -10.49
CA TYR A 180 -5.70 24.01 -11.52
C TYR A 180 -6.35 24.37 -12.84
N THR A 181 -5.79 23.86 -13.91
CA THR A 181 -6.41 23.97 -15.23
C THR A 181 -6.23 22.65 -15.96
N LEU A 182 -7.28 22.20 -16.62
CA LEU A 182 -7.29 20.92 -17.30
C LEU A 182 -8.01 21.13 -18.63
N SER A 183 -7.68 20.31 -19.63
CA SER A 183 -8.43 20.31 -20.88
C SER A 183 -8.77 18.90 -21.30
N SER A 184 -9.76 18.77 -22.18
CA SER A 184 -10.10 17.47 -22.71
C SER A 184 -10.41 17.64 -24.20
N SER A 185 -9.94 16.72 -25.03
CA SER A 185 -10.25 16.77 -26.45
C SER A 185 -11.05 15.55 -26.85
N VAL A 186 -11.85 15.72 -27.89
CA VAL A 186 -12.62 14.62 -28.45
C VAL A 186 -12.62 14.78 -29.97
N THR A 187 -12.45 13.66 -30.65
CA THR A 187 -12.40 13.66 -32.10
C THR A 187 -13.54 12.80 -32.59
N VAL A 188 -14.28 13.30 -33.56
CA VAL A 188 -15.45 12.62 -34.07
C VAL A 188 -15.46 12.77 -35.58
N PRO A 189 -16.12 11.84 -36.27
CA PRO A 189 -16.27 12.00 -37.72
C PRO A 189 -16.92 13.34 -38.03
N SER A 190 -16.40 14.04 -39.03
CA SER A 190 -16.93 15.34 -39.43
C SER A 190 -18.39 15.24 -39.89
N SER A 191 -18.79 14.03 -40.28
CA SER A 191 -20.17 13.76 -40.67
C SER A 191 -21.12 14.02 -39.51
N THR A 192 -20.65 13.77 -38.29
CA THR A 192 -21.52 13.81 -37.12
C THR A 192 -21.56 15.14 -36.37
N TRP A 193 -20.62 16.03 -36.64
CA TRP A 193 -20.63 17.34 -35.99
C TRP A 193 -20.52 18.47 -37.00
N PRO A 194 -21.36 19.51 -36.86
CA PRO A 194 -22.31 19.71 -35.75
C PRO A 194 -23.68 19.07 -35.97
N SER A 195 -23.80 18.19 -36.97
CA SER A 195 -25.03 17.43 -37.20
C SER A 195 -25.62 16.90 -35.90
N GLU A 196 -24.81 16.15 -35.17
CA GLU A 196 -25.19 15.65 -33.86
C GLU A 196 -24.44 16.44 -32.80
N THR A 197 -25.12 16.79 -31.73
CA THR A 197 -24.52 17.64 -30.71
C THR A 197 -23.38 16.94 -29.96
N VAL A 198 -22.42 17.73 -29.52
CA VAL A 198 -21.34 17.23 -28.66
C VAL A 198 -21.23 18.12 -27.43
N THR A 199 -21.34 17.50 -26.26
CA THR A 199 -21.32 18.26 -25.00
C THR A 199 -20.29 17.69 -24.05
N CYS A 200 -19.52 18.56 -23.40
CA CYS A 200 -18.69 18.09 -22.29
C CYS A 200 -19.43 18.26 -20.98
N ASN A 201 -19.29 17.28 -20.09
CA ASN A 201 -19.92 17.31 -18.78
C ASN A 201 -18.82 17.37 -17.73
N VAL A 202 -18.72 18.50 -17.04
CA VAL A 202 -17.63 18.71 -16.11
C VAL A 202 -18.16 18.80 -14.68
N ALA A 203 -17.60 18.00 -13.79
CA ALA A 203 -17.99 18.01 -12.37
C ALA A 203 -16.79 18.27 -11.48
N HIS A 204 -17.01 19.06 -10.43
CA HIS A 204 -16.00 19.34 -9.44
C HIS A 204 -16.69 19.22 -8.09
N PRO A 205 -16.72 18.00 -7.54
CA PRO A 205 -17.40 17.68 -6.28
C PRO A 205 -17.09 18.64 -5.12
N ALA A 206 -15.85 19.08 -5.01
CA ALA A 206 -15.43 19.91 -3.89
C ALA A 206 -16.15 21.26 -3.84
N SER A 207 -16.61 21.74 -5.00
CA SER A 207 -17.34 23.01 -5.07
C SER A 207 -18.80 22.80 -5.45
N SER A 208 -19.20 21.53 -5.50
CA SER A 208 -20.55 21.15 -5.93
C SER A 208 -20.90 21.71 -7.30
N THR A 209 -19.92 21.66 -8.19
CA THR A 209 -20.07 22.15 -9.54
C THR A 209 -20.38 21.03 -10.51
N LYS A 210 -21.44 21.20 -11.29
CA LYS A 210 -21.68 20.36 -12.45
C LYS A 210 -22.04 21.26 -13.61
N VAL A 211 -21.23 21.24 -14.66
CA VAL A 211 -21.48 22.04 -15.85
C VAL A 211 -21.60 21.14 -17.08
N ASP A 212 -22.56 21.45 -17.95
CA ASP A 212 -22.62 20.89 -19.29
C ASP A 212 -22.32 22.01 -20.26
N LYS A 213 -21.35 21.80 -21.15
CA LYS A 213 -21.02 22.79 -22.15
C LYS A 213 -21.16 22.21 -23.55
N LYS A 214 -22.18 22.65 -24.27
CA LYS A 214 -22.37 22.19 -25.64
C LYS A 214 -21.35 22.89 -26.54
N ILE A 215 -20.74 22.14 -27.44
CA ILE A 215 -19.75 22.75 -28.32
C ILE A 215 -20.47 23.23 -29.57
N VAL A 216 -20.40 24.54 -29.82
CA VAL A 216 -21.14 25.15 -30.93
C VAL A 216 -20.17 25.73 -31.96
N PRO A 217 -20.47 25.54 -33.26
CA PRO A 217 -19.61 26.05 -34.33
C PRO A 217 -19.54 27.57 -34.28
N ARG A 218 -18.38 28.14 -34.59
CA ARG A 218 -18.21 29.58 -34.53
C ARG A 218 -18.79 30.26 -35.77
N ASN B 1 15.38 -0.20 7.44
CA ASN B 1 14.19 -0.89 6.99
C ASN B 1 14.41 -1.61 5.65
N ILE B 2 13.62 -2.65 5.40
CA ILE B 2 13.66 -3.37 4.14
C ILE B 2 13.34 -2.43 2.97
N VAL B 3 14.03 -2.63 1.84
CA VAL B 3 13.78 -1.84 0.66
C VAL B 3 13.63 -2.77 -0.53
N LEU B 4 12.64 -2.50 -1.37
CA LEU B 4 12.44 -3.22 -2.61
C LEU B 4 12.88 -2.33 -3.74
N THR B 5 13.84 -2.79 -4.53
CA THR B 5 14.33 -2.00 -5.67
C THR B 5 13.92 -2.65 -6.99
N GLN B 6 13.13 -1.93 -7.79
CA GLN B 6 12.75 -2.45 -9.09
C GLN B 6 13.63 -1.92 -10.18
N SER B 7 13.91 -2.77 -11.16
CA SER B 7 14.71 -2.38 -12.32
C SER B 7 14.22 -3.16 -13.54
N PRO B 8 14.34 -2.57 -14.73
CA PRO B 8 14.74 -1.18 -14.98
C PRO B 8 13.66 -0.24 -14.45
N VAL B 9 13.92 1.06 -14.40
CA VAL B 9 12.86 1.94 -13.95
C VAL B 9 11.82 2.13 -15.06
N SER B 10 12.24 1.96 -16.31
CA SER B 10 11.31 2.02 -17.44
C SER B 10 11.86 1.21 -18.59
N LEU B 11 10.99 0.68 -19.44
CA LEU B 11 11.44 -0.10 -20.58
C LEU B 11 10.36 -0.05 -21.65
N ALA B 12 10.79 -0.13 -22.91
CA ALA B 12 9.84 -0.16 -24.01
C ALA B 12 9.95 -1.49 -24.74
N VAL B 13 8.82 -2.17 -24.90
CA VAL B 13 8.77 -3.51 -25.45
C VAL B 13 7.80 -3.50 -26.61
N SER B 14 8.17 -4.15 -27.71
CA SER B 14 7.26 -4.23 -28.86
C SER B 14 6.07 -5.12 -28.61
N LEU B 15 4.95 -4.80 -29.24
CA LEU B 15 3.77 -5.65 -29.12
C LEU B 15 4.11 -7.07 -29.52
N GLY B 16 3.69 -8.04 -28.73
CA GLY B 16 3.96 -9.43 -29.03
C GLY B 16 5.27 -9.97 -28.47
N GLN B 17 6.06 -9.11 -27.85
CA GLN B 17 7.37 -9.53 -27.35
C GLN B 17 7.42 -9.56 -25.81
N ARG B 18 8.55 -9.97 -25.24
CA ARG B 18 8.66 -10.19 -23.80
C ARG B 18 9.18 -9.02 -22.95
N ALA B 19 8.45 -8.68 -21.88
CA ALA B 19 8.96 -7.77 -20.84
C ALA B 19 9.48 -8.56 -19.66
N THR B 20 10.68 -8.21 -19.19
CA THR B 20 11.24 -8.86 -18.02
C THR B 20 11.61 -7.79 -17.00
N ILE B 21 10.96 -7.79 -15.85
CA ILE B 21 11.26 -6.77 -14.86
C ILE B 21 11.66 -7.40 -13.54
N SER B 22 12.54 -6.72 -12.82
CA SER B 22 13.19 -7.29 -11.65
CA SER B 22 13.18 -7.30 -11.64
C SER B 22 12.80 -6.57 -10.37
N CYS B 23 12.76 -7.30 -9.26
CA CYS B 23 12.58 -6.72 -7.94
CA CYS B 23 12.61 -6.72 -7.95
C CYS B 23 13.61 -7.37 -7.03
N ARG B 24 14.43 -6.55 -6.39
CA ARG B 24 15.39 -7.09 -5.42
C ARG B 24 15.06 -6.54 -4.04
N ALA B 25 15.09 -7.41 -3.04
CA ALA B 25 14.76 -7.04 -1.66
C ALA B 25 16.05 -6.95 -0.86
N SER B 26 16.16 -6.00 0.07
CA SER B 26 17.39 -5.91 0.88
C SER B 26 17.40 -6.91 2.03
N GLU B 27 16.25 -7.49 2.33
CA GLU B 27 16.12 -8.51 3.37
C GLU B 27 15.20 -9.58 2.82
N SER B 28 15.33 -10.82 3.29
CA SER B 28 14.55 -11.91 2.70
C SER B 28 13.08 -11.80 3.00
N VAL B 29 12.26 -11.98 1.97
CA VAL B 29 10.83 -11.88 2.15
C VAL B 29 10.21 -13.29 2.22
N ASP B 30 11.06 -14.30 2.34
CA ASP B 30 10.58 -15.67 2.54
C ASP B 30 10.25 -15.93 3.99
N GLY B 31 9.17 -16.63 4.23
CA GLY B 31 8.85 -17.09 5.57
C GLY B 31 7.77 -18.13 5.53
N TYR B 32 7.83 -19.10 6.44
CA TYR B 32 6.73 -20.05 6.60
C TYR B 32 6.32 -20.72 5.29
N GLY B 33 7.32 -21.05 4.48
CA GLY B 33 7.10 -21.80 3.26
C GLY B 33 6.69 -20.97 2.08
N ASN B 34 6.55 -19.66 2.28
CA ASN B 34 6.14 -18.75 1.20
C ASN B 34 7.15 -17.64 0.95
N SER B 35 7.10 -17.06 -0.25
CA SER B 35 7.74 -15.78 -0.50
C SER B 35 6.64 -14.74 -0.51
N PHE B 36 6.63 -13.87 0.48
CA PHE B 36 5.56 -12.88 0.58
C PHE B 36 5.89 -11.67 -0.28
N LEU B 37 5.88 -11.90 -1.59
CA LEU B 37 6.25 -10.89 -2.58
C LEU B 37 5.17 -10.95 -3.66
N HIS B 38 4.54 -9.82 -3.93
CA HIS B 38 3.39 -9.79 -4.83
C HIS B 38 3.60 -8.72 -5.88
N TRP B 39 2.97 -8.91 -7.03
CA TRP B 39 3.15 -7.96 -8.14
C TRP B 39 1.83 -7.31 -8.52
N PHE B 40 1.87 -6.00 -8.81
CA PHE B 40 0.67 -5.25 -9.14
C PHE B 40 0.86 -4.47 -10.42
N GLN B 41 -0.25 -4.22 -11.13
CA GLN B 41 -0.26 -3.37 -12.30
C GLN B 41 -1.09 -2.16 -11.92
N GLN B 42 -0.61 -0.96 -12.22
CA GLN B 42 -1.42 0.24 -12.00
C GLN B 42 -1.46 1.12 -13.26
N LYS B 43 -2.65 1.18 -13.86
CA LYS B 43 -2.93 2.05 -14.99
C LYS B 43 -3.35 3.41 -14.44
N PRO B 44 -3.19 4.48 -15.24
CA PRO B 44 -3.55 5.82 -14.75
C PRO B 44 -5.03 5.94 -14.36
N GLY B 45 -5.30 6.74 -13.35
CA GLY B 45 -6.65 6.93 -12.84
C GLY B 45 -7.32 5.69 -12.26
N GLN B 46 -6.55 4.63 -12.04
CA GLN B 46 -7.08 3.40 -11.46
C GLN B 46 -6.27 2.99 -10.22
N PRO B 47 -6.86 2.16 -9.34
CA PRO B 47 -6.08 1.58 -8.25
C PRO B 47 -5.22 0.44 -8.80
N PRO B 48 -4.21 0.03 -8.03
CA PRO B 48 -3.39 -1.12 -8.41
C PRO B 48 -4.26 -2.36 -8.50
N LYS B 49 -3.85 -3.29 -9.37
CA LYS B 49 -4.55 -4.55 -9.56
C LYS B 49 -3.57 -5.68 -9.34
N LEU B 50 -3.96 -6.66 -8.52
CA LEU B 50 -3.08 -7.79 -8.22
C LEU B 50 -2.89 -8.74 -9.43
N LEU B 51 -1.64 -8.99 -9.78
CA LEU B 51 -1.31 -9.88 -10.90
C LEU B 51 -0.85 -11.24 -10.43
N ILE B 52 0.14 -11.21 -9.52
CA ILE B 52 0.81 -12.42 -9.07
C ILE B 52 0.90 -12.33 -7.57
N TYR B 53 0.53 -13.39 -6.87
CA TYR B 53 0.67 -13.41 -5.41
C TYR B 53 1.63 -14.49 -4.94
N LEU B 54 2.30 -14.21 -3.83
CA LEU B 54 3.26 -15.13 -3.24
C LEU B 54 4.29 -15.56 -4.28
N ALA B 55 4.84 -14.56 -4.97
CA ALA B 55 5.95 -14.70 -5.91
C ALA B 55 5.61 -15.31 -7.27
N SER B 56 4.82 -16.37 -7.29
CA SER B 56 4.67 -17.14 -8.54
C SER B 56 3.28 -17.65 -8.86
N ASN B 57 2.29 -17.23 -8.09
CA ASN B 57 0.92 -17.68 -8.32
C ASN B 57 0.12 -16.68 -9.11
N LEU B 58 -0.48 -17.14 -10.21
CA LEU B 58 -1.34 -16.28 -11.01
C LEU B 58 -2.63 -15.93 -10.25
N ASN B 59 -2.92 -14.65 -10.11
CA ASN B 59 -4.16 -14.24 -9.45
C ASN B 59 -5.33 -14.63 -10.33
N SER B 60 -6.40 -15.09 -9.70
CA SER B 60 -7.59 -15.54 -10.44
C SER B 60 -8.05 -14.50 -11.46
N GLY B 61 -8.26 -14.93 -12.71
CA GLY B 61 -8.76 -14.04 -13.74
C GLY B 61 -7.72 -13.21 -14.49
N VAL B 62 -6.47 -13.28 -14.04
CA VAL B 62 -5.36 -12.55 -14.68
C VAL B 62 -4.82 -13.38 -15.89
N PRO B 63 -4.51 -12.73 -17.02
CA PRO B 63 -3.99 -13.53 -18.14
C PRO B 63 -2.69 -14.26 -17.77
N ALA B 64 -2.53 -15.49 -18.22
CA ALA B 64 -1.28 -16.21 -18.00
C ALA B 64 -0.10 -15.66 -18.81
N ARG B 65 -0.33 -14.59 -19.57
CA ARG B 65 0.78 -13.79 -20.13
C ARG B 65 1.67 -13.28 -19.01
N PHE B 66 1.11 -13.10 -17.83
CA PHE B 66 1.89 -12.61 -16.68
C PHE B 66 2.40 -13.79 -15.88
N SER B 67 3.67 -13.78 -15.50
CA SER B 67 4.21 -14.86 -14.67
C SER B 67 5.26 -14.31 -13.72
N GLY B 68 5.34 -14.89 -12.52
CA GLY B 68 6.32 -14.46 -11.54
C GLY B 68 7.23 -15.61 -11.12
N SER B 69 8.48 -15.27 -10.81
CA SER B 69 9.43 -16.26 -10.30
C SER B 69 10.38 -15.64 -9.30
N GLY B 70 11.15 -16.49 -8.61
CA GLY B 70 12.15 -16.00 -7.69
C GLY B 70 11.85 -16.37 -6.25
N SER B 71 12.77 -16.02 -5.36
CA SER B 71 12.63 -16.34 -3.96
C SER B 71 13.65 -15.54 -3.15
N ARG B 72 13.41 -15.47 -1.84
CA ARG B 72 14.32 -14.81 -0.90
C ARG B 72 14.44 -13.32 -1.16
N THR B 73 15.42 -12.92 -1.98
CA THR B 73 15.62 -11.49 -2.26
C THR B 73 15.63 -11.13 -3.76
N ASP B 74 15.38 -12.09 -4.64
CA ASP B 74 15.47 -11.83 -6.08
CA ASP B 74 15.50 -11.87 -6.09
C ASP B 74 14.24 -12.37 -6.82
N PHE B 75 13.50 -11.46 -7.44
CA PHE B 75 12.24 -11.81 -8.08
C PHE B 75 12.12 -11.21 -9.45
N THR B 76 11.32 -11.85 -10.29
CA THR B 76 11.14 -11.41 -11.66
C THR B 76 9.68 -11.52 -12.05
N LEU B 77 9.18 -10.47 -12.70
CA LEU B 77 7.88 -10.50 -13.35
C LEU B 77 8.14 -10.54 -14.84
N THR B 78 7.53 -11.51 -15.50
CA THR B 78 7.64 -11.63 -16.94
C THR B 78 6.27 -11.42 -17.56
N ILE B 79 6.20 -10.66 -18.66
CA ILE B 79 4.96 -10.45 -19.41
C ILE B 79 5.24 -10.84 -20.85
N ASP B 80 4.54 -11.85 -21.36
CA ASP B 80 4.87 -12.38 -22.68
C ASP B 80 3.68 -13.14 -23.22
N PRO B 81 3.08 -12.68 -24.32
CA PRO B 81 3.45 -11.49 -25.09
C PRO B 81 2.89 -10.22 -24.48
N VAL B 82 3.60 -9.11 -24.64
CA VAL B 82 3.08 -7.80 -24.28
C VAL B 82 1.92 -7.36 -25.21
N GLU B 83 0.87 -6.79 -24.62
CA GLU B 83 -0.27 -6.28 -25.39
C GLU B 83 -0.44 -4.79 -25.10
N ALA B 84 -1.19 -4.09 -25.95
CA ALA B 84 -1.35 -2.65 -25.81
C ALA B 84 -1.84 -2.27 -24.42
N ASP B 85 -2.73 -3.11 -23.88
CA ASP B 85 -3.36 -2.86 -22.58
C ASP B 85 -2.38 -2.93 -21.41
N ASP B 86 -1.16 -3.42 -21.66
CA ASP B 86 -0.17 -3.56 -20.60
C ASP B 86 0.59 -2.26 -20.31
N ALA B 87 0.37 -1.21 -21.10
CA ALA B 87 0.99 0.08 -20.78
C ALA B 87 0.54 0.52 -19.39
N ALA B 88 1.48 0.52 -18.45
CA ALA B 88 1.13 0.69 -17.04
C ALA B 88 2.41 0.76 -16.23
N THR B 89 2.28 1.09 -14.95
CA THR B 89 3.42 0.95 -14.05
C THR B 89 3.22 -0.32 -13.22
N TYR B 90 4.31 -1.05 -12.99
CA TYR B 90 4.26 -2.32 -12.28
C TYR B 90 4.96 -2.17 -10.95
N TYR B 91 4.33 -2.68 -9.89
CA TYR B 91 4.92 -2.58 -8.56
C TYR B 91 5.07 -3.94 -7.91
N CYS B 92 6.18 -4.11 -7.20
CA CYS B 92 6.28 -5.23 -6.28
C CYS B 92 5.96 -4.76 -4.87
N GLN B 93 5.61 -5.72 -4.02
CA GLN B 93 5.18 -5.40 -2.64
C GLN B 93 5.50 -6.59 -1.76
N GLN B 94 6.03 -6.33 -0.57
CA GLN B 94 6.31 -7.41 0.36
C GLN B 94 5.57 -7.20 1.68
N ASN B 95 5.11 -8.31 2.24
CA ASN B 95 4.49 -8.28 3.57
C ASN B 95 4.97 -9.40 4.50
N ASN B 96 6.23 -9.79 4.34
CA ASN B 96 6.86 -10.71 5.26
C ASN B 96 7.40 -10.01 6.49
N VAL B 97 7.97 -8.81 6.30
CA VAL B 97 8.77 -8.12 7.33
C VAL B 97 8.25 -6.70 7.58
N ASP B 98 8.24 -6.27 8.84
CA ASP B 98 7.93 -4.89 9.18
C ASP B 98 9.15 -4.05 8.85
N PRO B 99 8.97 -2.93 8.13
CA PRO B 99 7.73 -2.39 7.56
C PRO B 99 7.36 -3.00 6.22
N TRP B 100 6.07 -3.20 6.00
CA TRP B 100 5.61 -3.59 4.67
C TRP B 100 5.97 -2.49 3.69
N THR B 101 6.43 -2.86 2.50
CA THR B 101 6.82 -1.83 1.54
C THR B 101 6.46 -2.19 0.12
N PHE B 102 6.47 -1.18 -0.74
CA PHE B 102 6.33 -1.35 -2.18
C PHE B 102 7.66 -1.00 -2.83
N GLY B 103 7.95 -1.61 -3.99
CA GLY B 103 9.05 -1.13 -4.82
C GLY B 103 8.66 0.21 -5.44
N GLY B 104 9.62 0.88 -6.07
CA GLY B 104 9.42 2.21 -6.62
C GLY B 104 8.75 2.24 -7.98
N GLY B 105 8.46 1.07 -8.53
CA GLY B 105 7.70 0.99 -9.76
C GLY B 105 8.53 0.89 -11.02
N THR B 106 7.99 0.19 -12.01
CA THR B 106 8.63 0.06 -13.31
C THR B 106 7.58 0.42 -14.36
N LYS B 107 7.89 1.41 -15.20
CA LYS B 107 6.92 1.83 -16.21
C LYS B 107 7.16 1.10 -17.52
N LEU B 108 6.14 0.38 -17.99
CA LEU B 108 6.26 -0.35 -19.24
C LEU B 108 5.64 0.48 -20.36
N GLU B 109 6.44 0.77 -21.37
CA GLU B 109 5.98 1.47 -22.58
C GLU B 109 5.86 0.46 -23.71
N ILE B 110 4.83 0.59 -24.53
CA ILE B 110 4.71 -0.25 -25.71
C ILE B 110 5.43 0.44 -26.87
N LYS B 111 6.40 -0.26 -27.45
CA LYS B 111 7.14 0.28 -28.59
C LYS B 111 6.35 0.02 -29.86
N ARG B 112 5.64 1.04 -30.34
CA ARG B 112 4.89 0.93 -31.60
C ARG B 112 5.55 1.72 -32.74
N ALA B 113 4.94 1.72 -33.91
CA ALA B 113 5.47 2.49 -35.05
C ALA B 113 5.41 3.98 -34.76
N ASP B 114 6.38 4.73 -35.29
CA ASP B 114 6.37 6.19 -35.14
C ASP B 114 5.10 6.79 -35.76
N ALA B 115 4.61 7.86 -35.16
CA ALA B 115 3.38 8.49 -35.62
C ALA B 115 3.47 9.96 -35.29
N ALA B 116 3.24 10.79 -36.30
CA ALA B 116 3.27 12.24 -36.12
C ALA B 116 2.03 12.75 -35.38
N PRO B 117 2.22 13.80 -34.56
CA PRO B 117 1.10 14.38 -33.82
C PRO B 117 0.07 14.99 -34.76
N THR B 118 -1.19 14.80 -34.43
CA THR B 118 -2.25 15.57 -35.08
C THR B 118 -2.45 16.83 -34.27
N VAL B 119 -2.21 17.98 -34.89
CA VAL B 119 -2.21 19.24 -34.18
C VAL B 119 -3.49 20.02 -34.49
N SER B 120 -4.11 20.57 -33.45
CA SER B 120 -5.33 21.36 -33.61
C SER B 120 -5.23 22.58 -32.72
N ILE B 121 -5.56 23.76 -33.26
CA ILE B 121 -5.47 25.00 -32.48
C ILE B 121 -6.86 25.60 -32.31
N PHE B 122 -7.13 26.19 -31.14
CA PHE B 122 -8.45 26.70 -30.81
C PHE B 122 -8.35 28.09 -30.25
N PRO B 123 -9.06 29.05 -30.86
CA PRO B 123 -9.08 30.42 -30.31
C PRO B 123 -9.80 30.45 -28.96
N PRO B 124 -9.64 31.56 -28.21
CA PRO B 124 -10.45 31.75 -27.00
C PRO B 124 -11.94 31.74 -27.31
N SER B 125 -12.73 31.22 -26.40
CA SER B 125 -14.18 31.19 -26.55
C SER B 125 -14.76 32.55 -26.23
N SER B 126 -15.92 32.86 -26.79
CA SER B 126 -16.56 34.13 -26.48
C SER B 126 -16.92 34.19 -25.00
N GLU B 127 -17.22 33.03 -24.42
CA GLU B 127 -17.48 32.94 -22.98
C GLU B 127 -16.34 33.50 -22.16
N GLN B 128 -15.12 33.03 -22.42
CA GLN B 128 -13.97 33.49 -21.66
C GLN B 128 -13.67 34.95 -21.96
N LEU B 129 -13.85 35.33 -23.23
CA LEU B 129 -13.57 36.69 -23.66
C LEU B 129 -14.47 37.68 -22.93
N THR B 130 -15.78 37.39 -22.91
CA THR B 130 -16.74 38.24 -22.23
C THR B 130 -16.41 38.38 -20.74
N SER B 131 -15.61 37.46 -20.23
CA SER B 131 -15.16 37.51 -18.85
C SER B 131 -13.76 38.12 -18.70
N GLY B 132 -13.16 38.54 -19.81
CA GLY B 132 -11.91 39.27 -19.76
C GLY B 132 -10.62 38.48 -19.91
N GLY B 133 -10.72 37.18 -20.14
CA GLY B 133 -9.54 36.34 -20.29
C GLY B 133 -9.39 35.84 -21.71
N ALA B 134 -8.20 35.38 -22.06
CA ALA B 134 -7.97 34.80 -23.38
C ALA B 134 -6.99 33.63 -23.35
N SER B 135 -7.53 32.41 -23.46
CA SER B 135 -6.71 31.22 -23.56
C SER B 135 -6.80 30.64 -24.96
N VAL B 136 -5.64 30.48 -25.59
CA VAL B 136 -5.53 29.80 -26.87
C VAL B 136 -5.01 28.40 -26.60
N VAL B 137 -5.70 27.39 -27.13
CA VAL B 137 -5.36 25.99 -26.82
C VAL B 137 -4.89 25.23 -28.05
N CYS B 138 -3.89 24.36 -27.84
CA CYS B 138 -3.34 23.53 -28.89
CA CYS B 138 -3.31 23.53 -28.88
C CYS B 138 -3.30 22.09 -28.40
N PHE B 139 -3.90 21.18 -29.17
CA PHE B 139 -3.81 19.76 -28.87
C PHE B 139 -2.83 19.14 -29.85
N LEU B 140 -1.92 18.32 -29.34
CA LEU B 140 -0.98 17.61 -30.19
C LEU B 140 -1.24 16.16 -29.87
N ASN B 141 -2.00 15.48 -30.72
CA ASN B 141 -2.64 14.22 -30.34
C ASN B 141 -2.10 12.99 -31.05
N ASN B 142 -2.11 11.88 -30.31
CA ASN B 142 -1.78 10.56 -30.82
C ASN B 142 -0.44 10.43 -31.56
N PHE B 143 0.65 10.81 -30.89
CA PHE B 143 1.96 10.68 -31.51
C PHE B 143 2.80 9.61 -30.84
N TYR B 144 3.83 9.16 -31.56
CA TYR B 144 4.82 8.26 -30.99
C TYR B 144 6.14 8.48 -31.72
N PRO B 145 7.27 8.55 -31.01
CA PRO B 145 7.50 8.41 -29.56
C PRO B 145 7.04 9.61 -28.71
N LYS B 146 7.21 9.51 -27.40
CA LYS B 146 6.63 10.47 -26.47
C LYS B 146 7.34 11.81 -26.48
N ASP B 147 8.59 11.82 -26.93
CA ASP B 147 9.40 13.03 -26.92
C ASP B 147 8.86 14.08 -27.92
N ILE B 148 8.56 15.26 -27.42
CA ILE B 148 7.95 16.29 -28.26
C ILE B 148 8.19 17.67 -27.63
N ASN B 149 8.23 18.71 -28.46
CA ASN B 149 8.36 20.07 -27.96
C ASN B 149 7.38 20.99 -28.65
N VAL B 150 6.79 21.91 -27.89
CA VAL B 150 5.82 22.85 -28.45
C VAL B 150 6.34 24.28 -28.37
N LYS B 151 6.06 25.07 -29.39
CA LYS B 151 6.48 26.48 -29.41
C LYS B 151 5.33 27.36 -29.90
N TRP B 152 5.09 28.45 -29.17
CA TRP B 152 4.02 29.38 -29.51
C TRP B 152 4.56 30.65 -30.16
N LYS B 153 3.86 31.14 -31.18
CA LYS B 153 4.25 32.41 -31.78
C LYS B 153 3.05 33.33 -31.91
N ILE B 154 3.26 34.61 -31.61
CA ILE B 154 2.22 35.62 -31.76
C ILE B 154 2.74 36.65 -32.73
N ASP B 155 2.02 36.86 -33.83
CA ASP B 155 2.48 37.69 -34.93
C ASP B 155 3.92 37.39 -35.32
N GLY B 156 4.26 36.11 -35.41
CA GLY B 156 5.57 35.68 -35.86
C GLY B 156 6.64 35.63 -34.78
N SER B 157 6.33 36.18 -33.61
CA SER B 157 7.31 36.25 -32.52
C SER B 157 7.03 35.23 -31.42
N GLU B 158 8.08 34.52 -31.00
CA GLU B 158 7.97 33.48 -29.99
C GLU B 158 7.48 34.03 -28.65
N ARG B 159 6.58 33.30 -28.01
CA ARG B 159 6.05 33.69 -26.71
C ARG B 159 6.28 32.55 -25.71
N GLN B 160 6.85 32.88 -24.56
CA GLN B 160 7.24 31.87 -23.59
C GLN B 160 6.43 31.89 -22.29
N ASN B 161 6.20 33.07 -21.72
CA ASN B 161 5.40 33.16 -20.51
C ASN B 161 3.90 33.03 -20.79
N GLY B 162 3.16 32.47 -19.84
CA GLY B 162 1.73 32.29 -20.00
C GLY B 162 1.36 30.95 -20.62
N VAL B 163 2.37 30.12 -20.85
CA VAL B 163 2.15 28.79 -21.43
C VAL B 163 2.20 27.68 -20.38
N LEU B 164 1.15 26.85 -20.34
CA LEU B 164 1.11 25.68 -19.49
C LEU B 164 0.86 24.43 -20.32
N ASN B 165 1.60 23.37 -20.02
CA ASN B 165 1.55 22.15 -20.81
C ASN B 165 1.13 20.97 -19.98
N SER B 166 0.51 19.99 -20.60
CA SER B 166 0.14 18.76 -19.91
C SER B 166 0.36 17.59 -20.87
N TRP B 167 0.82 16.45 -20.35
CA TRP B 167 1.09 15.29 -21.20
C TRP B 167 0.31 14.08 -20.70
N THR B 168 -0.31 13.34 -21.61
CA THR B 168 -1.01 12.13 -21.17
C THR B 168 -0.03 10.97 -20.99
N ASP B 169 -0.47 9.94 -20.30
CA ASP B 169 0.28 8.69 -20.26
C ASP B 169 -0.02 7.95 -21.55
N GLN B 170 0.70 6.87 -21.80
CA GLN B 170 0.51 6.13 -23.06
C GLN B 170 -0.89 5.54 -23.20
N ASP B 171 -1.50 5.74 -24.37
CA ASP B 171 -2.85 5.23 -24.62
C ASP B 171 -2.93 3.70 -24.57
N SER B 172 -3.93 3.15 -23.86
CA SER B 172 -4.06 1.70 -23.67
CA SER B 172 -4.08 1.70 -23.66
C SER B 172 -4.53 0.96 -24.93
N LYS B 173 -5.01 1.72 -25.91
CA LYS B 173 -5.56 1.13 -27.13
C LYS B 173 -4.61 1.24 -28.29
N ASP B 174 -4.14 2.46 -28.58
CA ASP B 174 -3.28 2.64 -29.76
C ASP B 174 -1.82 2.96 -29.43
N SER B 175 -1.48 2.94 -28.14
CA SER B 175 -0.09 3.06 -27.71
C SER B 175 0.54 4.41 -28.07
N THR B 176 -0.29 5.43 -28.28
CA THR B 176 0.25 6.75 -28.56
C THR B 176 0.22 7.63 -27.31
N TYR B 177 0.77 8.83 -27.48
CA TYR B 177 0.80 9.84 -26.46
C TYR B 177 0.14 11.08 -27.01
N SER B 178 -0.29 11.96 -26.12
CA SER B 178 -0.89 13.23 -26.49
C SER B 178 -0.43 14.35 -25.54
N MET B 179 -0.51 15.58 -26.04
CA MET B 179 -0.08 16.73 -25.26
C MET B 179 -1.06 17.88 -25.46
N SER B 180 -1.24 18.69 -24.41
CA SER B 180 -2.09 19.86 -24.49
C SER B 180 -1.27 21.07 -24.05
N SER B 181 -1.36 22.15 -24.82
CA SER B 181 -0.63 23.36 -24.51
C SER B 181 -1.57 24.55 -24.55
N THR B 182 -1.58 25.35 -23.48
CA THR B 182 -2.44 26.52 -23.43
C THR B 182 -1.64 27.80 -23.23
N LEU B 183 -1.88 28.75 -24.12
CA LEU B 183 -1.30 30.07 -23.97
C LEU B 183 -2.39 30.99 -23.42
N THR B 184 -2.19 31.50 -22.21
CA THR B 184 -3.17 32.38 -21.61
C THR B 184 -2.74 33.84 -21.62
N LEU B 185 -3.57 34.67 -22.23
CA LEU B 185 -3.33 36.10 -22.30
C LEU B 185 -4.53 36.81 -21.70
N THR B 186 -4.40 38.11 -21.46
CA THR B 186 -5.56 38.94 -21.15
C THR B 186 -6.31 39.17 -22.45
N LYS B 187 -7.60 39.44 -22.35
CA LYS B 187 -8.40 39.80 -23.51
C LYS B 187 -7.76 40.98 -24.26
N ASP B 188 -7.29 41.97 -23.51
CA ASP B 188 -6.76 43.18 -24.12
C ASP B 188 -5.47 42.92 -24.90
N GLU B 189 -4.60 42.08 -24.35
CA GLU B 189 -3.40 41.65 -25.06
C GLU B 189 -3.74 40.83 -26.30
N TYR B 190 -4.71 39.92 -26.16
CA TYR B 190 -5.12 39.05 -27.26
C TYR B 190 -5.62 39.85 -28.46
N GLU B 191 -6.32 40.95 -28.18
CA GLU B 191 -7.00 41.74 -29.21
C GLU B 191 -6.09 42.69 -30.01
N ARG B 192 -4.84 42.85 -29.58
CA ARG B 192 -3.91 43.73 -30.29
C ARG B 192 -2.96 42.94 -31.19
N HIS B 193 -3.26 41.67 -31.39
CA HIS B 193 -2.47 40.80 -32.27
C HIS B 193 -3.37 39.97 -33.17
N ASN B 194 -2.83 39.51 -34.30
CA ASN B 194 -3.65 38.83 -35.29
C ASN B 194 -3.32 37.35 -35.42
N SER B 195 -2.05 37.05 -35.68
CA SER B 195 -1.62 35.67 -35.90
C SER B 195 -1.23 34.94 -34.62
N TYR B 196 -1.87 33.80 -34.40
CA TYR B 196 -1.53 32.89 -33.29
C TYR B 196 -1.15 31.52 -33.81
N THR B 197 0.01 31.05 -33.38
CA THR B 197 0.63 29.86 -33.96
C THR B 197 1.16 28.90 -32.88
N CYS B 198 0.90 27.62 -33.07
CA CYS B 198 1.52 26.60 -32.23
CA CYS B 198 1.45 26.56 -32.22
C CYS B 198 2.25 25.59 -33.11
N GLU B 199 3.47 25.26 -32.70
CA GLU B 199 4.39 24.45 -33.50
C GLU B 199 4.92 23.28 -32.70
N ALA B 200 4.82 22.07 -33.25
CA ALA B 200 5.39 20.87 -32.63
C ALA B 200 6.66 20.42 -33.36
N THR B 201 7.70 20.10 -32.60
CA THR B 201 8.87 19.40 -33.18
C THR B 201 8.86 17.96 -32.68
N HIS B 202 9.08 17.01 -33.58
CA HIS B 202 8.91 15.59 -33.27
C HIS B 202 9.76 14.76 -34.22
N LYS B 203 10.20 13.59 -33.77
CA LYS B 203 11.12 12.75 -34.53
C LYS B 203 10.60 12.43 -35.94
N THR B 204 9.29 12.39 -36.10
CA THR B 204 8.66 12.00 -37.38
C THR B 204 8.73 13.04 -38.48
N SER B 205 9.23 14.23 -38.17
CA SER B 205 9.11 15.37 -39.08
C SER B 205 10.37 16.22 -39.10
N THR B 206 10.90 16.50 -40.29
CA THR B 206 12.11 17.31 -40.45
C THR B 206 11.83 18.81 -40.32
N SER B 207 10.55 19.17 -40.29
CA SER B 207 10.16 20.56 -40.11
C SER B 207 9.07 20.57 -39.04
N PRO B 208 8.98 21.67 -38.27
CA PRO B 208 7.95 21.70 -37.22
C PRO B 208 6.54 21.56 -37.80
N ILE B 209 5.65 20.94 -37.05
CA ILE B 209 4.25 20.81 -37.44
C ILE B 209 3.46 21.95 -36.84
N VAL B 210 2.92 22.81 -37.71
CA VAL B 210 2.39 24.11 -37.30
C VAL B 210 0.90 24.23 -37.59
N LYS B 211 0.17 24.77 -36.63
CA LYS B 211 -1.23 25.16 -36.83
C LYS B 211 -1.38 26.61 -36.39
N SER B 212 -2.24 27.33 -37.09
CA SER B 212 -2.40 28.76 -36.86
CA SER B 212 -2.40 28.75 -36.84
C SER B 212 -3.83 29.22 -37.06
N PHE B 213 -4.12 30.43 -36.59
CA PHE B 213 -5.36 31.10 -36.90
C PHE B 213 -5.12 32.58 -36.74
N ASN B 214 -5.81 33.37 -37.56
CA ASN B 214 -5.79 34.81 -37.44
C ASN B 214 -7.09 35.27 -36.79
N ARG B 215 -6.95 36.16 -35.82
CA ARG B 215 -8.09 36.68 -35.07
C ARG B 215 -9.06 37.42 -35.98
N GLN C 1 -13.28 -15.36 21.98
CA GLN C 1 -11.87 -15.18 22.34
C GLN C 1 -11.03 -16.35 21.83
N VAL C 2 -9.81 -16.09 21.39
CA VAL C 2 -8.88 -17.17 21.09
C VAL C 2 -8.59 -17.90 22.40
N GLN C 3 -8.62 -19.23 22.36
CA GLN C 3 -8.33 -20.01 23.56
C GLN C 3 -7.50 -21.24 23.22
N LEU C 4 -6.45 -21.46 24.00
CA LEU C 4 -5.57 -22.62 23.83
C LEU C 4 -5.60 -23.37 25.15
N GLN C 5 -6.16 -24.56 25.14
CA GLN C 5 -6.38 -25.33 26.36
C GLN C 5 -5.46 -26.54 26.39
N GLU C 6 -4.47 -26.51 27.27
CA GLU C 6 -3.48 -27.57 27.28
C GLU C 6 -3.86 -28.65 28.28
N SER C 7 -3.29 -29.84 28.09
CA SER C 7 -3.59 -30.99 28.94
C SER C 7 -3.02 -30.81 30.35
N GLY C 8 -3.42 -31.68 31.26
CA GLY C 8 -3.03 -31.54 32.66
C GLY C 8 -1.60 -31.94 32.99
N THR C 9 -1.22 -31.65 34.23
CA THR C 9 0.10 -31.98 34.79
C THR C 9 0.51 -33.42 34.54
N GLU C 10 1.78 -33.61 34.18
CA GLU C 10 2.34 -34.94 33.92
C GLU C 10 3.46 -35.31 34.90
N LEU C 11 3.42 -36.53 35.40
CA LEU C 11 4.52 -37.10 36.15
C LEU C 11 5.08 -38.20 35.28
N VAL C 12 6.36 -38.11 34.96
CA VAL C 12 6.98 -38.99 33.98
C VAL C 12 8.20 -39.65 34.60
N LYS C 13 8.32 -40.96 34.47
CA LYS C 13 9.50 -41.67 34.95
C LYS C 13 10.70 -41.32 34.08
N PRO C 14 11.90 -41.31 34.68
CA PRO C 14 13.11 -41.01 33.90
C PRO C 14 13.25 -41.97 32.71
N GLY C 15 13.51 -41.41 31.53
CA GLY C 15 13.70 -42.19 30.32
C GLY C 15 12.42 -42.51 29.58
N ALA C 16 11.27 -42.20 30.18
CA ALA C 16 9.98 -42.41 29.52
C ALA C 16 9.66 -41.21 28.65
N SER C 17 8.53 -41.28 27.95
CA SER C 17 8.14 -40.20 27.03
C SER C 17 6.74 -39.74 27.36
N VAL C 18 6.38 -38.55 26.90
CA VAL C 18 5.06 -38.03 27.19
C VAL C 18 4.59 -37.19 26.02
N LYS C 19 3.29 -37.24 25.77
CA LYS C 19 2.72 -36.47 24.69
C LYS C 19 1.71 -35.45 25.26
N LEU C 20 2.01 -34.17 25.10
CA LEU C 20 1.15 -33.10 25.59
C LEU C 20 0.22 -32.64 24.47
N SER C 21 -0.93 -32.09 24.85
CA SER C 21 -1.87 -31.60 23.86
C SER C 21 -2.28 -30.15 24.12
N CYS C 22 -2.81 -29.52 23.09
CA CYS C 22 -3.22 -28.13 23.16
C CYS C 22 -4.42 -28.01 22.23
N LYS C 23 -5.61 -27.86 22.80
CA LYS C 23 -6.82 -27.73 21.98
C LYS C 23 -7.12 -26.27 21.71
N ALA C 24 -7.25 -25.94 20.43
CA ALA C 24 -7.41 -24.56 20.01
C ALA C 24 -8.86 -24.24 19.66
N SER C 25 -9.28 -23.02 19.94
CA SER C 25 -10.63 -22.58 19.56
C SER C 25 -10.68 -21.05 19.47
N GLY C 26 -11.73 -20.55 18.83
CA GLY C 26 -11.94 -19.12 18.71
C GLY C 26 -11.25 -18.51 17.51
N TYR C 27 -10.67 -19.35 16.67
CA TYR C 27 -10.10 -18.94 15.40
C TYR C 27 -10.02 -20.16 14.53
N THR C 28 -9.69 -19.98 13.25
CA THR C 28 -9.55 -21.10 12.32
C THR C 28 -8.19 -21.76 12.51
N PHE C 29 -8.23 -22.96 13.11
CA PHE C 29 -7.03 -23.70 13.50
C PHE C 29 -5.99 -23.79 12.38
N THR C 30 -6.45 -24.13 11.18
CA THR C 30 -5.50 -24.43 10.11
C THR C 30 -4.91 -23.20 9.41
N ASN C 31 -5.40 -22.00 9.75
CA ASN C 31 -4.87 -20.77 9.18
C ASN C 31 -3.66 -20.21 9.93
N TYR C 32 -3.28 -20.83 11.04
CA TYR C 32 -2.15 -20.36 11.84
C TYR C 32 -1.25 -21.51 12.23
N TRP C 33 0.05 -21.26 12.22
CA TRP C 33 1.01 -22.19 12.78
C TRP C 33 0.87 -22.22 14.31
N MET C 34 1.54 -23.17 14.96
CA MET C 34 1.51 -23.25 16.40
C MET C 34 2.94 -23.40 16.93
N HIS C 35 3.28 -22.64 17.96
CA HIS C 35 4.59 -22.72 18.57
C HIS C 35 4.48 -23.46 19.89
N TRP C 36 5.61 -24.02 20.30
CA TRP C 36 5.73 -24.55 21.65
C TRP C 36 6.95 -23.96 22.32
N VAL C 37 6.81 -23.75 23.63
CA VAL C 37 7.80 -23.07 24.46
C VAL C 37 8.03 -23.84 25.76
N LYS C 38 9.28 -23.87 26.22
CA LYS C 38 9.63 -24.50 27.49
C LYS C 38 10.04 -23.47 28.53
N GLN C 39 9.55 -23.62 29.77
CA GLN C 39 9.99 -22.75 30.84
C GLN C 39 10.38 -23.55 32.08
N ARG C 40 11.64 -23.49 32.48
CA ARG C 40 12.06 -24.19 33.71
C ARG C 40 11.92 -23.29 34.95
N GLN C 41 14.76 -20.67 34.66
CA GLN C 41 13.57 -19.88 34.98
C GLN C 41 13.05 -19.15 33.75
N GLY C 42 13.86 -19.10 32.69
CA GLY C 42 13.54 -18.35 31.50
C GLY C 42 12.80 -19.16 30.45
N LEU C 43 12.65 -18.60 29.26
CA LEU C 43 11.86 -19.27 28.22
C LEU C 43 12.71 -19.67 27.03
N GLU C 44 12.33 -20.77 26.41
CA GLU C 44 13.01 -21.31 25.24
C GLU C 44 11.98 -21.75 24.22
N TRP C 45 12.20 -21.36 22.96
CA TRP C 45 11.32 -21.77 21.87
C TRP C 45 11.74 -23.15 21.39
N ILE C 46 10.78 -24.07 21.34
CA ILE C 46 11.03 -25.45 20.96
C ILE C 46 10.93 -25.66 19.46
N GLY C 47 9.87 -25.13 18.86
CA GLY C 47 9.65 -25.35 17.45
C GLY C 47 8.22 -24.98 17.11
N GLU C 48 7.86 -25.20 15.85
CA GLU C 48 6.59 -24.73 15.32
C GLU C 48 6.08 -25.75 14.30
N ILE C 49 4.76 -25.79 14.15
CA ILE C 49 4.15 -26.69 13.19
C ILE C 49 3.05 -25.96 12.44
N ASN C 50 2.90 -26.28 11.16
CA ASN C 50 1.79 -25.81 10.34
C ASN C 50 0.66 -26.85 10.35
N PRO C 51 -0.46 -26.54 11.00
CA PRO C 51 -1.55 -27.53 11.11
C PRO C 51 -2.10 -27.93 9.74
N SER C 52 -1.93 -27.05 8.75
CA SER C 52 -2.50 -27.29 7.43
C SER C 52 -1.86 -28.49 6.72
N ASP C 53 -0.53 -28.59 6.79
CA ASP C 53 0.19 -29.64 6.05
C ASP C 53 1.13 -30.49 6.93
N GLY C 54 1.20 -30.15 8.21
CA GLY C 54 2.04 -30.88 9.15
C GLY C 54 3.52 -30.52 9.13
N HIS C 55 3.90 -29.52 8.33
CA HIS C 55 5.31 -29.11 8.27
C HIS C 55 5.80 -28.59 9.62
N THR C 56 7.02 -28.96 10.00
CA THR C 56 7.59 -28.55 11.28
C THR C 56 8.95 -27.89 11.11
N ASN C 57 9.26 -26.93 11.98
CA ASN C 57 10.61 -26.36 12.06
C ASN C 57 11.02 -26.37 13.52
N TYR C 58 12.17 -26.97 13.86
CA TYR C 58 12.59 -27.10 15.26
C TYR C 58 13.77 -26.21 15.60
N ASN C 59 13.80 -25.75 16.85
CA ASN C 59 15.05 -25.25 17.42
C ASN C 59 16.00 -26.43 17.44
N GLU C 60 17.21 -26.28 16.91
CA GLU C 60 18.19 -27.38 16.88
C GLU C 60 18.39 -28.03 18.25
N LYS C 61 18.34 -27.21 19.30
CA LYS C 61 18.49 -27.70 20.66
C LYS C 61 17.45 -28.76 21.04
N PHE C 62 16.29 -28.74 20.39
CA PHE C 62 15.22 -29.69 20.73
C PHE C 62 14.92 -30.75 19.66
N LYS C 63 15.72 -30.80 18.60
CA LYS C 63 15.43 -31.71 17.50
C LYS C 63 15.41 -33.17 17.95
N SER C 64 16.21 -33.51 18.94
CA SER C 64 16.26 -34.88 19.42
C SER C 64 15.35 -35.09 20.63
N LYS C 65 14.56 -34.08 20.96
CA LYS C 65 13.74 -34.12 22.18
C LYS C 65 12.24 -34.00 21.92
N ALA C 66 11.85 -33.14 21.00
CA ALA C 66 10.43 -32.87 20.78
C ALA C 66 9.98 -33.27 19.38
N THR C 67 8.74 -33.75 19.29
CA THR C 67 8.13 -34.05 18.01
C THR C 67 6.74 -33.43 17.99
N LEU C 68 6.50 -32.51 17.05
CA LEU C 68 5.19 -31.85 16.96
C LEU C 68 4.30 -32.52 15.93
N THR C 69 3.02 -32.68 16.26
CA THR C 69 2.02 -33.19 15.33
C THR C 69 0.71 -32.43 15.54
N VAL C 70 -0.27 -32.63 14.66
CA VAL C 70 -1.57 -32.01 14.82
C VAL C 70 -2.65 -33.02 14.49
N ASP C 71 -3.85 -32.78 15.02
CA ASP C 71 -5.06 -33.48 14.60
C ASP C 71 -6.02 -32.39 14.11
N LYS C 72 -6.09 -32.21 12.80
CA LYS C 72 -6.94 -31.19 12.18
C LYS C 72 -8.40 -31.30 12.58
N SER C 73 -8.94 -32.51 12.59
CA SER C 73 -10.35 -32.71 12.91
C SER C 73 -10.72 -32.20 14.30
N SER C 74 -9.80 -32.31 15.26
CA SER C 74 -10.09 -31.93 16.64
C SER C 74 -9.46 -30.60 17.03
N SER C 75 -8.87 -29.91 16.07
CA SER C 75 -8.21 -28.62 16.32
C SER C 75 -7.22 -28.73 17.48
N THR C 76 -6.43 -29.79 17.47
CA THR C 76 -5.53 -30.05 18.59
C THR C 76 -4.10 -30.22 18.10
N ALA C 77 -3.17 -29.58 18.82
CA ALA C 77 -1.75 -29.69 18.51
C ALA C 77 -1.12 -30.55 19.60
N TYR C 78 -0.13 -31.34 19.23
CA TYR C 78 0.50 -32.27 20.17
C TYR C 78 2.01 -32.08 20.18
N MET C 79 2.60 -32.27 21.35
CA MET C 79 4.05 -32.28 21.44
C MET C 79 4.51 -33.50 22.22
N GLN C 80 5.28 -34.36 21.56
CA GLN C 80 5.81 -35.56 22.20
C GLN C 80 7.24 -35.27 22.64
N LEU C 81 7.50 -35.47 23.94
CA LEU C 81 8.81 -35.25 24.52
C LEU C 81 9.42 -36.63 24.79
N SER C 82 10.62 -36.89 24.29
CA SER C 82 11.18 -38.23 24.33
C SER C 82 12.26 -38.44 25.37
N SER C 83 12.25 -39.63 25.98
CA SER C 83 13.30 -40.10 26.91
C SER C 83 13.74 -39.06 27.95
N LEU C 84 12.85 -38.77 28.90
CA LEU C 84 13.04 -37.58 29.73
C LEU C 84 14.11 -37.73 30.81
N THR C 85 14.75 -36.61 31.13
CA THR C 85 15.68 -36.53 32.23
C THR C 85 15.19 -35.35 33.07
N SER C 86 15.84 -35.12 34.20
CA SER C 86 15.40 -34.04 35.10
C SER C 86 15.48 -32.67 34.44
N GLU C 87 16.31 -32.56 33.40
CA GLU C 87 16.45 -31.30 32.68
C GLU C 87 15.19 -30.96 31.88
N ASP C 88 14.32 -31.97 31.68
CA ASP C 88 13.07 -31.77 30.95
C ASP C 88 11.91 -31.37 31.85
N SER C 89 12.13 -31.38 33.17
CA SER C 89 11.10 -30.90 34.10
C SER C 89 10.92 -29.41 33.88
N ALA C 90 9.69 -28.99 33.56
CA ALA C 90 9.43 -27.62 33.15
C ALA C 90 7.93 -27.44 32.98
N VAL C 91 7.52 -26.20 32.76
CA VAL C 91 6.20 -25.92 32.24
C VAL C 91 6.33 -25.70 30.73
N TYR C 92 5.50 -26.39 29.97
CA TYR C 92 5.49 -26.25 28.52
C TYR C 92 4.23 -25.52 28.11
N TYR C 93 4.40 -24.59 27.16
CA TYR C 93 3.28 -23.83 26.64
C TYR C 93 3.14 -24.06 25.17
N CYS C 94 1.91 -23.97 24.70
CA CYS C 94 1.66 -23.79 23.28
CA CYS C 94 1.64 -23.80 23.30
C CYS C 94 1.25 -22.35 23.07
N ALA C 95 1.52 -21.82 21.88
CA ALA C 95 1.21 -20.43 21.61
C ALA C 95 1.00 -20.18 20.12
N ARG C 96 0.05 -19.30 19.81
CA ARG C 96 -0.28 -18.99 18.43
C ARG C 96 0.29 -17.65 17.98
N PRO C 97 0.87 -17.62 16.78
CA PRO C 97 1.35 -16.35 16.24
C PRO C 97 0.22 -15.34 16.08
N TRP C 98 0.59 -14.07 16.15
CA TRP C 98 -0.34 -12.98 15.94
C TRP C 98 -0.98 -13.04 14.56
N ALA C 99 -0.14 -13.25 13.54
CA ALA C 99 -0.62 -13.19 12.18
C ALA C 99 0.29 -14.01 11.28
N PHE C 100 0.29 -13.69 9.99
CA PHE C 100 1.08 -14.46 9.05
C PHE C 100 2.47 -13.86 8.85
N GLY C 101 3.33 -14.59 8.14
CA GLY C 101 4.65 -14.07 7.79
C GLY C 101 5.56 -13.92 9.00
N ASN C 102 6.76 -13.41 8.79
CA ASN C 102 7.70 -13.25 9.89
C ASN C 102 7.32 -12.10 10.84
N TYR C 103 6.77 -11.02 10.29
CA TYR C 103 6.37 -9.87 11.12
C TYR C 103 5.27 -10.32 12.08
N GLY C 104 4.48 -11.29 11.64
CA GLY C 104 3.35 -11.73 12.44
C GLY C 104 3.65 -12.93 13.33
N ALA C 105 4.90 -13.38 13.33
CA ALA C 105 5.27 -14.61 14.03
C ALA C 105 5.28 -14.52 15.56
N TRP C 106 5.29 -13.30 16.11
CA TRP C 106 5.35 -13.16 17.57
C TRP C 106 4.16 -13.85 18.27
N PHE C 107 4.38 -14.30 19.49
CA PHE C 107 3.47 -15.28 20.10
C PHE C 107 2.38 -14.48 20.81
N ALA C 108 1.20 -14.41 20.20
CA ALA C 108 0.16 -13.50 20.68
C ALA C 108 -0.81 -14.11 21.69
N TYR C 109 -1.06 -15.41 21.60
CA TYR C 109 -2.03 -16.09 22.46
C TYR C 109 -1.39 -17.33 22.99
N TRP C 110 -1.41 -17.50 24.32
CA TRP C 110 -0.74 -18.63 24.94
C TRP C 110 -1.73 -19.57 25.62
N GLY C 111 -1.39 -20.85 25.66
CA GLY C 111 -2.08 -21.79 26.52
C GLY C 111 -1.80 -21.53 28.00
N GLN C 112 -2.52 -22.20 28.90
CA GLN C 112 -2.29 -21.98 30.32
C GLN C 112 -1.01 -22.66 30.80
N GLY C 113 -0.44 -23.50 29.95
CA GLY C 113 0.78 -24.21 30.28
C GLY C 113 0.53 -25.58 30.89
N THR C 114 1.48 -26.48 30.69
CA THR C 114 1.43 -27.82 31.25
C THR C 114 2.69 -28.13 32.03
N LEU C 115 2.53 -28.38 33.33
CA LEU C 115 3.65 -28.82 34.15
C LEU C 115 4.03 -30.28 33.87
N VAL C 116 5.30 -30.52 33.57
CA VAL C 116 5.86 -31.86 33.44
C VAL C 116 6.96 -32.05 34.48
N THR C 117 6.81 -33.07 35.32
CA THR C 117 7.81 -33.33 36.33
C THR C 117 8.36 -34.74 36.13
N VAL C 118 9.68 -34.84 35.99
CA VAL C 118 10.32 -36.14 35.87
C VAL C 118 10.75 -36.63 37.25
N SER C 119 10.34 -37.85 37.60
CA SER C 119 10.68 -38.42 38.90
C SER C 119 10.52 -39.94 38.92
N GLY D 1 23.35 -23.14 18.68
CA GLY D 1 24.27 -22.82 17.61
C GLY D 1 24.96 -21.49 17.82
N ALA D 2 26.15 -21.35 17.23
CA ALA D 2 26.94 -20.13 17.38
C ALA D 2 26.26 -18.93 16.72
N SER D 3 25.40 -19.19 15.75
CA SER D 3 24.72 -18.12 15.05
C SER D 3 23.37 -17.77 15.69
N ASP D 4 23.01 -18.44 16.78
CA ASP D 4 21.75 -18.12 17.48
C ASP D 4 21.80 -16.69 18.03
N ILE D 5 20.69 -15.96 17.91
CA ILE D 5 20.61 -14.61 18.46
C ILE D 5 20.40 -14.67 19.98
N VAL D 6 21.20 -13.89 20.70
CA VAL D 6 21.10 -13.81 22.15
C VAL D 6 20.42 -12.48 22.51
N MET D 7 19.40 -12.55 23.35
CA MET D 7 18.72 -11.35 23.83
C MET D 7 19.17 -11.15 25.27
N THR D 8 19.96 -10.10 25.51
CA THR D 8 20.51 -9.85 26.84
C THR D 8 19.66 -8.82 27.55
N GLN D 9 18.92 -9.25 28.56
CA GLN D 9 17.90 -8.42 29.18
C GLN D 9 18.40 -7.92 30.54
N SER D 10 18.17 -6.65 30.83
CA SER D 10 18.63 -6.04 32.07
C SER D 10 17.60 -5.01 32.55
N PRO D 11 17.42 -4.85 33.88
CA PRO D 11 18.12 -5.53 34.98
C PRO D 11 17.53 -6.91 35.26
N LYS D 12 18.17 -7.65 36.15
CA LYS D 12 17.70 -8.98 36.50
C LYS D 12 16.51 -8.88 37.44
N PHE D 13 16.58 -7.95 38.38
CA PHE D 13 15.41 -7.65 39.18
C PHE D 13 15.50 -6.25 39.73
N MET D 14 14.36 -5.73 40.15
CA MET D 14 14.28 -4.37 40.66
CA MET D 14 14.32 -4.40 40.74
C MET D 14 13.11 -4.22 41.62
N SER D 15 13.20 -3.22 42.50
CA SER D 15 12.09 -2.85 43.36
C SER D 15 11.78 -1.37 43.16
N THR D 16 10.50 -0.99 43.16
CA THR D 16 10.19 0.43 43.12
C THR D 16 8.89 0.70 43.85
N SER D 17 8.54 1.96 44.01
CA SER D 17 7.33 2.32 44.71
C SER D 17 6.25 2.57 43.69
N VAL D 18 5.00 2.42 44.11
CA VAL D 18 3.86 2.71 43.25
C VAL D 18 3.95 4.15 42.76
N GLY D 19 3.69 4.35 41.48
CA GLY D 19 3.73 5.67 40.87
C GLY D 19 5.02 5.99 40.13
N ASP D 20 6.03 5.13 40.32
CA ASP D 20 7.34 5.38 39.74
C ASP D 20 7.41 4.90 38.29
N ARG D 21 8.45 5.33 37.58
CA ARG D 21 8.68 4.90 36.20
C ARG D 21 9.95 4.04 36.17
N VAL D 22 9.87 2.88 35.51
CA VAL D 22 11.05 2.03 35.40
C VAL D 22 11.25 1.58 33.98
N SER D 23 12.49 1.23 33.66
CA SER D 23 12.85 0.79 32.32
C SER D 23 13.54 -0.56 32.34
N ILE D 24 13.25 -1.37 31.33
CA ILE D 24 13.89 -2.66 31.14
C ILE D 24 14.49 -2.64 29.75
N THR D 25 15.74 -3.04 29.63
CA THR D 25 16.36 -3.04 28.31
C THR D 25 16.65 -4.43 27.79
N CYS D 26 16.73 -4.52 26.48
CA CYS D 26 17.17 -5.75 25.85
C CYS D 26 18.14 -5.43 24.74
N LYS D 27 19.27 -6.13 24.74
N LYS D 27 19.28 -6.13 24.73
CA LYS D 27 20.29 -5.97 23.73
CA LYS D 27 20.30 -5.93 23.71
C LYS D 27 20.31 -7.24 22.91
C LYS D 27 20.44 -7.20 22.88
N ALA D 28 20.08 -7.12 21.61
CA ALA D 28 20.15 -8.27 20.72
C ALA D 28 21.56 -8.40 20.19
N SER D 29 22.07 -9.61 20.13
CA SER D 29 23.42 -9.86 19.64
C SER D 29 23.56 -9.66 18.13
N GLN D 30 22.43 -9.60 17.41
CA GLN D 30 22.42 -9.31 15.98
C GLN D 30 21.28 -8.34 15.69
N ASN D 31 21.37 -7.65 14.56
CA ASN D 31 20.29 -6.75 14.14
C ASN D 31 18.97 -7.53 13.94
N VAL D 32 17.96 -7.25 14.76
CA VAL D 32 16.67 -7.92 14.62
C VAL D 32 15.56 -6.97 14.13
N ARG D 33 15.99 -5.83 13.60
CA ARG D 33 15.10 -4.79 13.09
C ARG D 33 14.05 -4.41 14.13
N THR D 34 12.78 -4.62 13.84
CA THR D 34 11.77 -4.30 14.85
C THR D 34 11.03 -5.53 15.36
N ALA D 35 11.57 -6.72 15.06
CA ALA D 35 10.85 -7.95 15.39
C ALA D 35 11.10 -8.38 16.85
N VAL D 36 10.65 -7.53 17.76
CA VAL D 36 10.79 -7.76 19.20
C VAL D 36 9.46 -7.53 19.89
N ALA D 37 9.06 -8.49 20.73
CA ALA D 37 7.84 -8.39 21.52
C ALA D 37 8.19 -8.43 23.00
N TRP D 38 7.36 -7.79 23.83
CA TRP D 38 7.57 -7.82 25.29
C TRP D 38 6.39 -8.47 25.97
N TYR D 39 6.67 -9.27 27.00
CA TYR D 39 5.65 -10.01 27.73
C TYR D 39 5.69 -9.71 29.22
N GLN D 40 4.53 -9.85 29.85
CA GLN D 40 4.42 -9.83 31.31
C GLN D 40 3.99 -11.23 31.75
N GLN D 41 4.53 -11.69 32.86
CA GLN D 41 4.14 -12.99 33.38
C GLN D 41 4.03 -12.98 34.91
N LYS D 42 2.85 -13.31 35.40
CA LYS D 42 2.63 -13.43 36.83
C LYS D 42 2.78 -14.89 37.27
N PRO D 43 3.08 -15.13 38.56
CA PRO D 43 3.34 -16.50 39.01
C PRO D 43 2.18 -17.44 38.70
N GLY D 44 2.49 -18.59 38.10
CA GLY D 44 1.49 -19.60 37.80
C GLY D 44 0.64 -19.30 36.58
N GLN D 45 0.93 -18.19 35.90
CA GLN D 45 0.21 -17.80 34.70
C GLN D 45 1.12 -17.83 33.49
N SER D 46 0.52 -17.84 32.31
CA SER D 46 1.29 -17.81 31.09
C SER D 46 1.69 -16.37 30.83
N PRO D 47 2.71 -16.16 30.00
CA PRO D 47 3.06 -14.80 29.54
C PRO D 47 1.89 -14.15 28.80
N LYS D 48 1.76 -12.83 28.91
CA LYS D 48 0.76 -12.06 28.20
C LYS D 48 1.49 -10.95 27.46
N ALA D 49 1.19 -10.78 26.19
CA ALA D 49 1.89 -9.80 25.37
C ALA D 49 1.57 -8.38 25.79
N LEU D 50 2.59 -7.54 25.90
CA LEU D 50 2.42 -6.12 26.16
C LEU D 50 2.68 -5.28 24.92
N ILE D 51 3.80 -5.54 24.27
CA ILE D 51 4.26 -4.69 23.17
C ILE D 51 4.67 -5.65 22.06
N TYR D 52 4.39 -5.27 20.80
CA TYR D 52 4.85 -6.04 19.64
C TYR D 52 5.49 -5.12 18.61
N LEU D 53 6.31 -5.72 17.76
CA LEU D 53 7.04 -5.00 16.73
C LEU D 53 7.76 -3.77 17.32
N ALA D 54 8.36 -4.00 18.49
CA ALA D 54 9.17 -3.01 19.22
C ALA D 54 8.39 -1.90 19.93
N SER D 55 7.30 -1.42 19.35
CA SER D 55 6.66 -0.20 19.89
C SER D 55 5.13 -0.15 19.85
N SER D 56 4.47 -1.14 19.25
CA SER D 56 3.00 -1.16 19.28
C SER D 56 2.45 -1.84 20.51
N ARG D 57 1.37 -1.29 21.07
CA ARG D 57 0.72 -1.88 22.25
C ARG D 57 -0.32 -2.91 21.87
N HIS D 58 -0.25 -4.07 22.48
CA HIS D 58 -1.24 -5.11 22.26
C HIS D 58 -2.61 -4.65 22.80
N THR D 59 -3.67 -5.21 22.23
CA THR D 59 -5.03 -4.83 22.58
CA THR D 59 -5.04 -4.87 22.58
C THR D 59 -5.28 -4.89 24.09
N GLY D 60 -5.82 -3.79 24.62
CA GLY D 60 -6.18 -3.74 26.03
C GLY D 60 -5.06 -3.40 27.00
N VAL D 61 -3.82 -3.35 26.52
CA VAL D 61 -2.71 -3.00 27.39
C VAL D 61 -2.69 -1.48 27.65
N PRO D 62 -2.57 -1.09 28.91
CA PRO D 62 -2.65 0.36 29.20
C PRO D 62 -1.44 1.11 28.67
N ASP D 63 -1.61 2.42 28.41
CA ASP D 63 -0.53 3.19 27.81
C ASP D 63 0.59 3.54 28.80
N ARG D 64 0.48 3.02 30.02
CA ARG D 64 1.59 3.03 30.97
C ARG D 64 2.77 2.20 30.49
N PHE D 65 2.52 1.28 29.55
CA PHE D 65 3.56 0.47 28.95
C PHE D 65 3.94 1.04 27.59
N THR D 66 5.22 1.32 27.41
N THR D 66 5.21 1.35 27.40
CA THR D 66 5.73 1.85 26.15
CA THR D 66 5.70 1.86 26.11
C THR D 66 6.93 1.02 25.72
C THR D 66 6.98 1.16 25.70
N GLY D 67 7.06 0.79 24.42
CA GLY D 67 8.24 0.12 23.90
C GLY D 67 8.95 1.04 22.91
N SER D 68 10.26 0.93 22.84
CA SER D 68 11.00 1.68 21.84
C SER D 68 12.23 0.91 21.42
N GLY D 69 12.80 1.33 20.31
CA GLY D 69 14.03 0.75 19.81
C GLY D 69 13.90 0.06 18.47
N SER D 70 15.04 -0.21 17.87
CA SER D 70 15.11 -0.97 16.63
C SER D 70 16.56 -1.42 16.48
N GLY D 71 16.80 -2.41 15.63
CA GLY D 71 18.15 -2.87 15.41
C GLY D 71 18.58 -3.80 16.54
N THR D 72 19.37 -3.29 17.48
CA THR D 72 19.90 -4.14 18.53
C THR D 72 19.51 -3.70 19.95
N ASP D 73 18.98 -2.49 20.10
CA ASP D 73 18.67 -1.96 21.43
C ASP D 73 17.19 -1.68 21.60
N PHE D 74 16.59 -2.26 22.62
CA PHE D 74 15.15 -2.16 22.84
C PHE D 74 14.90 -1.85 24.30
N THR D 75 13.84 -1.09 24.56
CA THR D 75 13.49 -0.71 25.92
C THR D 75 11.99 -0.86 26.13
N LEU D 76 11.61 -1.40 27.27
CA LEU D 76 10.24 -1.39 27.75
C LEU D 76 10.21 -0.43 28.92
N THR D 77 9.34 0.56 28.87
CA THR D 77 9.22 1.50 30.00
C THR D 77 7.86 1.34 30.62
N ILE D 78 7.80 1.24 31.94
CA ILE D 78 6.51 1.13 32.62
C ILE D 78 6.37 2.39 33.45
N SER D 79 5.40 3.24 33.09
CA SER D 79 5.16 4.46 33.86
C SER D 79 4.05 4.25 34.89
N ASN D 80 4.05 5.10 35.93
CA ASN D 80 3.05 5.02 36.99
C ASN D 80 2.85 3.58 37.47
N VAL D 81 3.96 2.93 37.82
CA VAL D 81 3.94 1.54 38.28
C VAL D 81 2.86 1.27 39.33
N GLN D 82 2.09 0.21 39.08
CA GLN D 82 0.98 -0.20 39.95
C GLN D 82 1.28 -1.55 40.58
N SER D 83 0.55 -1.88 41.65
CA SER D 83 0.67 -3.16 42.33
C SER D 83 0.51 -4.34 41.38
N GLU D 84 -0.38 -4.17 40.41
CA GLU D 84 -0.64 -5.19 39.40
C GLU D 84 0.56 -5.46 38.51
N ASP D 85 1.56 -4.57 38.53
CA ASP D 85 2.68 -4.70 37.60
C ASP D 85 3.81 -5.54 38.17
N LEU D 86 3.71 -5.92 39.44
CA LEU D 86 4.75 -6.75 40.03
C LEU D 86 4.68 -8.13 39.38
N ALA D 87 5.73 -8.51 38.66
CA ALA D 87 5.67 -9.67 37.78
C ALA D 87 7.03 -9.82 37.12
N ASP D 88 7.15 -10.84 36.26
CA ASP D 88 8.35 -11.01 35.43
C ASP D 88 8.06 -10.39 34.06
N TYR D 89 9.09 -9.89 33.40
CA TYR D 89 8.99 -9.33 32.06
C TYR D 89 10.05 -9.99 31.19
N PHE D 90 9.67 -10.31 29.95
CA PHE D 90 10.58 -10.98 29.00
C PHE D 90 10.44 -10.33 27.63
N CYS D 91 11.55 -10.23 26.90
CA CYS D 91 11.49 -9.88 25.49
C CYS D 91 11.63 -11.16 24.64
N LEU D 92 11.15 -11.08 23.40
CA LEU D 92 11.28 -12.14 22.42
C LEU D 92 11.70 -11.54 21.09
N GLN D 93 12.69 -12.12 20.41
CA GLN D 93 12.94 -11.77 19.01
C GLN D 93 12.39 -12.86 18.08
N HIS D 94 11.72 -12.41 17.01
CA HIS D 94 11.23 -13.32 15.98
C HIS D 94 11.76 -12.86 14.62
N TRP D 95 13.00 -12.36 14.59
CA TRP D 95 13.61 -11.97 13.33
C TRP D 95 14.14 -13.18 12.56
N ASN D 96 14.80 -14.10 13.26
CA ASN D 96 15.36 -15.27 12.61
C ASN D 96 15.36 -16.44 13.57
N TYR D 97 15.45 -17.65 13.03
CA TYR D 97 15.42 -18.89 13.81
C TYR D 97 16.79 -19.16 14.40
N PRO D 98 16.83 -19.79 15.60
CA PRO D 98 15.66 -20.10 16.41
C PRO D 98 15.17 -18.82 17.09
N TYR D 99 13.87 -18.70 17.32
CA TYR D 99 13.35 -17.56 18.09
C TYR D 99 13.88 -17.65 19.51
N THR D 100 14.23 -16.51 20.08
CA THR D 100 14.88 -16.51 21.40
C THR D 100 14.33 -15.42 22.30
N PHE D 101 14.35 -15.70 23.60
CA PHE D 101 13.84 -14.78 24.61
C PHE D 101 14.98 -14.18 25.43
N GLY D 102 14.72 -13.02 26.00
CA GLY D 102 15.59 -12.47 27.02
C GLY D 102 15.43 -13.30 28.29
N GLY D 103 16.42 -13.22 29.17
CA GLY D 103 16.42 -14.00 30.40
C GLY D 103 15.42 -13.59 31.47
N GLY D 104 14.78 -12.43 31.30
CA GLY D 104 13.76 -12.00 32.23
C GLY D 104 14.20 -10.95 33.24
N THR D 105 13.22 -10.20 33.73
CA THR D 105 13.41 -9.17 34.75
C THR D 105 12.26 -9.32 35.75
N LYS D 106 12.59 -9.42 37.02
CA LYS D 106 11.53 -9.51 38.02
C LYS D 106 11.30 -8.12 38.63
N LEU D 107 10.09 -7.61 38.47
CA LEU D 107 9.72 -6.37 39.15
C LEU D 107 9.00 -6.75 40.42
N GLU D 108 9.60 -6.39 41.55
CA GLU D 108 9.06 -6.74 42.86
C GLU D 108 8.95 -5.52 43.78
C1 GOL E . -0.79 -5.14 31.70
O1 GOL E . -1.40 -4.47 32.78
C2 GOL E . -1.24 -6.60 31.63
O2 GOL E . -1.74 -7.06 32.88
C3 GOL E . -2.28 -6.74 30.54
O3 GOL E . -1.98 -7.88 29.77
#